data_2OB2
#
_entry.id   2OB2
#
_cell.length_a   110.620
_cell.length_b   110.620
_cell.length_c   161.940
_cell.angle_alpha   90.00
_cell.angle_beta   90.00
_cell.angle_gamma   120.00
#
_symmetry.space_group_name_H-M   'P 65'
#
loop_
_entity.id
_entity.type
_entity.pdbx_description
1 polymer 'Leucine carboxyl methyltransferase 1'
2 non-polymer 'PHOSPHATE ION'
3 non-polymer S-ADENOSYL-L-HOMOCYSTEINE
4 non-polymer GLYCEROL
5 water water
#
_entity_poly.entity_id   1
_entity_poly.type   'polypeptide(L)'
_entity_poly.pdbx_seq_one_letter_code
;ERIIQQTDYDALSCKLAAISVGYLPSSGLQRLSVDLSKKYTEWHRSYLITLKKFSRRAFGKVDKAMRSSFPVMNYGTYLR
TVGIDAAILEFLVANEKVQVVNLGCGSDLRMLPLLQMFPHLAYVDIDYNESVELKNSILRESEILRISLGLSKEDTAKSP
FLIDQGRYKLAACDLNDITETTRLLDVCTKREIPTIVISE(SMC)LLCYMHNNESQLLINTIMSKFSHGLWISYDPIGGS
QPNDRFGAIMQSNLKESRNLEMPTLMTYNSKEKYASRWSAAPNVIVNDMWEIFNAQIPESERKRLRSLQFLDELEELKVM
QTHYILMKAQW
;
_entity_poly.pdbx_strand_id   A,B,C
#
loop_
_chem_comp.id
_chem_comp.type
_chem_comp.name
_chem_comp.formula
GOL non-polymer GLYCEROL 'C3 H8 O3'
PO4 non-polymer 'PHOSPHATE ION' 'O4 P -3'
SAH non-polymer S-ADENOSYL-L-HOMOCYSTEINE 'C14 H20 N6 O5 S'
#
# COMPACT_ATOMS: atom_id res chain seq x y z
N GLU A 1 -19.93 30.70 8.43
CA GLU A 1 -20.77 30.01 9.47
C GLU A 1 -20.10 28.77 10.10
N ARG A 2 -19.92 28.81 11.42
CA ARG A 2 -19.16 27.79 12.15
C ARG A 2 -19.85 26.44 12.09
N ILE A 3 -21.18 26.45 11.95
CA ILE A 3 -21.95 25.21 11.84
C ILE A 3 -21.61 24.40 10.60
N ILE A 4 -21.59 25.11 9.48
CA ILE A 4 -21.26 24.60 8.13
C ILE A 4 -19.82 24.09 8.06
N GLN A 5 -18.91 24.92 8.54
CA GLN A 5 -17.51 24.57 8.64
C GLN A 5 -17.28 23.23 9.35
N GLN A 6 -18.01 22.99 10.45
CA GLN A 6 -17.89 21.71 11.19
C GLN A 6 -18.52 20.48 10.56
N THR A 7 -19.12 20.62 9.38
CA THR A 7 -19.60 19.45 8.63
C THR A 7 -18.32 18.75 8.12
N ASP A 8 -17.17 19.44 8.15
CA ASP A 8 -15.94 18.82 7.80
C ASP A 8 -15.53 17.75 8.79
N TYR A 9 -15.88 17.90 10.07
CA TYR A 9 -15.52 16.91 11.07
C TYR A 9 -16.21 15.61 10.76
N ASP A 10 -17.42 15.69 10.21
CA ASP A 10 -18.12 14.49 9.71
C ASP A 10 -17.35 13.92 8.51
N ALA A 11 -16.98 14.76 7.54
CA ALA A 11 -16.30 14.24 6.34
C ALA A 11 -14.96 13.57 6.66
N LEU A 12 -14.23 14.17 7.61
CA LEU A 12 -12.96 13.69 8.05
C LEU A 12 -13.06 12.39 8.86
N SER A 13 -14.01 12.31 9.83
CA SER A 13 -14.26 11.09 10.57
C SER A 13 -14.51 9.94 9.59
N CYS A 14 -15.29 10.20 8.56
CA CYS A 14 -15.63 9.21 7.57
C CYS A 14 -14.44 8.81 6.78
N LYS A 15 -13.64 9.78 6.39
CA LYS A 15 -12.42 9.45 5.59
C LYS A 15 -11.51 8.54 6.45
N LEU A 16 -11.27 9.03 7.66
CA LEU A 16 -10.42 8.34 8.60
C LEU A 16 -10.85 6.94 8.98
N ALA A 17 -12.16 6.77 9.17
CA ALA A 17 -12.73 5.44 9.49
C ALA A 17 -12.56 4.50 8.29
N ALA A 18 -12.82 4.98 7.09
CA ALA A 18 -12.58 4.11 5.93
C ALA A 18 -11.13 3.68 5.75
N ILE A 19 -10.17 4.56 6.08
CA ILE A 19 -8.73 4.20 6.01
C ILE A 19 -8.41 3.16 7.09
N SER A 20 -8.96 3.36 8.30
CA SER A 20 -8.65 2.54 9.48
C SER A 20 -9.03 1.11 9.17
N VAL A 21 -10.28 0.93 8.75
CA VAL A 21 -10.82 -0.39 8.39
C VAL A 21 -10.06 -1.02 7.16
N GLY A 22 -9.60 -0.16 6.25
CA GLY A 22 -8.80 -0.57 5.13
C GLY A 22 -9.49 -0.38 3.81
N TYR A 23 -10.68 0.22 3.78
CA TYR A 23 -11.33 0.55 2.45
C TYR A 23 -10.44 1.34 1.46
N LEU A 24 -9.78 2.36 2.03
CA LEU A 24 -8.88 3.25 1.35
C LEU A 24 -7.60 3.10 2.11
N PRO A 25 -6.46 3.26 1.43
CA PRO A 25 -6.44 3.53 -0.02
C PRO A 25 -6.83 2.33 -0.88
N SER A 26 -7.37 2.60 -2.07
CA SER A 26 -7.63 1.60 -3.05
C SER A 26 -6.55 1.91 -4.10
N SER A 27 -5.42 1.22 -4.04
CA SER A 27 -4.26 1.63 -4.86
C SER A 27 -4.53 1.45 -6.35
N GLY A 28 -5.42 0.52 -6.67
CA GLY A 28 -5.89 0.34 -8.06
C GLY A 28 -6.71 1.53 -8.56
N LEU A 29 -7.81 1.84 -7.89
CA LEU A 29 -8.69 2.94 -8.29
C LEU A 29 -8.16 4.35 -8.02
N GLN A 30 -7.33 4.48 -6.99
CA GLN A 30 -6.65 5.77 -6.73
C GLN A 30 -5.25 5.91 -7.38
N ARG A 31 -4.81 4.84 -8.02
CA ARG A 31 -3.64 4.79 -8.89
C ARG A 31 -2.42 5.14 -8.06
N LEU A 32 -2.39 4.62 -6.84
CA LEU A 32 -1.32 4.80 -5.83
C LEU A 32 -0.26 3.74 -5.94
N SER A 33 0.99 4.19 -5.91
CA SER A 33 2.13 3.34 -5.93
C SER A 33 2.22 2.63 -4.58
N VAL A 34 3.23 1.78 -4.43
CA VAL A 34 3.51 1.16 -3.12
C VAL A 34 3.73 2.26 -2.02
N ASP A 35 4.69 3.15 -2.23
CA ASP A 35 5.02 4.23 -1.27
C ASP A 35 3.89 5.22 -1.04
N LEU A 36 3.11 5.55 -2.08
CA LEU A 36 1.96 6.50 -1.95
C LEU A 36 0.74 5.87 -1.26
N SER A 37 0.54 4.55 -1.40
CA SER A 37 -0.45 3.82 -0.61
C SER A 37 -0.11 3.88 0.87
N LYS A 38 1.17 3.70 1.17
CA LYS A 38 1.63 3.78 2.55
C LYS A 38 1.42 5.16 3.05
N LYS A 39 1.88 6.14 2.28
CA LYS A 39 1.82 7.56 2.67
C LYS A 39 0.43 8.11 2.88
N TYR A 40 -0.47 7.65 2.02
CA TYR A 40 -1.88 7.96 2.10
C TYR A 40 -2.39 7.75 3.53
N THR A 41 -2.25 6.52 4.02
CA THR A 41 -2.58 6.17 5.39
C THR A 41 -1.77 7.01 6.37
N GLU A 42 -0.45 7.07 6.21
CA GLU A 42 0.40 7.80 7.17
C GLU A 42 0.03 9.30 7.27
N TRP A 43 -0.21 9.91 6.12
CA TRP A 43 -0.69 11.30 6.08
C TRP A 43 -2.00 11.51 6.81
N HIS A 44 -3.00 10.65 6.58
CA HIS A 44 -4.29 10.80 7.27
C HIS A 44 -4.14 10.53 8.76
N ARG A 45 -3.39 9.48 9.13
CA ARG A 45 -3.03 9.24 10.55
C ARG A 45 -2.35 10.45 11.24
N SER A 46 -1.32 11.06 10.65
CA SER A 46 -0.73 12.27 11.21
C SER A 46 -1.75 13.42 11.28
N TYR A 47 -2.65 13.49 10.30
CA TYR A 47 -3.59 14.60 10.23
C TYR A 47 -4.45 14.53 11.50
N LEU A 48 -4.80 13.31 11.94
CA LEU A 48 -5.70 13.14 13.06
C LEU A 48 -4.94 13.43 14.35
N ILE A 49 -3.75 12.86 14.47
CA ILE A 49 -2.89 13.19 15.60
C ILE A 49 -2.67 14.71 15.74
N THR A 50 -2.58 15.40 14.62
CA THR A 50 -2.13 16.83 14.69
C THR A 50 -3.32 17.70 14.99
N LEU A 51 -4.47 17.30 14.42
CA LEU A 51 -5.79 17.85 14.80
C LEU A 51 -5.99 17.79 16.32
N LYS A 52 -5.69 16.64 16.94
CA LYS A 52 -5.77 16.53 18.33
C LYS A 52 -4.92 17.60 19.02
N LYS A 53 -3.71 17.81 18.54
CA LYS A 53 -2.87 18.86 19.11
C LYS A 53 -3.57 20.23 19.04
N PHE A 54 -4.29 20.51 17.95
CA PHE A 54 -4.85 21.86 17.73
C PHE A 54 -6.23 22.07 18.34
N SER A 55 -6.95 20.99 18.54
CA SER A 55 -8.28 21.14 19.07
C SER A 55 -8.69 19.86 19.75
N ARG A 56 -8.75 19.91 21.07
CA ARG A 56 -9.37 18.84 21.78
C ARG A 56 -10.80 18.60 21.31
N ARG A 57 -11.59 19.66 21.20
CA ARG A 57 -13.04 19.55 20.81
C ARG A 57 -13.24 18.96 19.43
N ALA A 58 -12.52 19.48 18.44
CA ALA A 58 -12.50 18.88 17.10
C ALA A 58 -12.11 17.40 17.11
N PHE A 59 -11.01 17.09 17.80
CA PHE A 59 -10.48 15.75 17.82
C PHE A 59 -11.47 14.76 18.44
N GLY A 60 -12.11 15.16 19.55
CA GLY A 60 -13.12 14.36 20.23
C GLY A 60 -14.29 14.03 19.32
N LYS A 61 -14.65 14.97 18.44
CA LYS A 61 -15.81 14.82 17.58
C LYS A 61 -15.47 13.83 16.49
N VAL A 62 -14.31 14.04 15.89
CA VAL A 62 -13.82 13.21 14.83
C VAL A 62 -13.66 11.78 15.37
N ASP A 63 -13.02 11.66 16.52
CA ASP A 63 -12.66 10.40 17.12
C ASP A 63 -13.86 9.51 17.41
N LYS A 64 -14.92 10.11 17.97
CA LYS A 64 -16.12 9.39 18.34
C LYS A 64 -16.94 9.02 17.12
N ALA A 65 -16.95 9.89 16.12
CA ALA A 65 -17.58 9.56 14.85
C ALA A 65 -16.87 8.39 14.19
N MET A 66 -15.55 8.33 14.23
CA MET A 66 -14.81 7.20 13.63
C MET A 66 -15.18 5.90 14.30
N ARG A 67 -15.08 5.86 15.63
CA ARG A 67 -15.35 4.66 16.42
C ARG A 67 -16.74 4.07 16.11
N SER A 68 -17.73 4.95 15.91
CA SER A 68 -19.12 4.60 15.63
C SER A 68 -19.50 4.54 14.13
N SER A 69 -18.53 4.40 13.25
CA SER A 69 -18.87 4.21 11.85
C SER A 69 -19.32 2.78 11.59
N PHE A 70 -20.14 2.63 10.56
CA PHE A 70 -20.75 1.37 10.28
C PHE A 70 -20.36 1.06 8.84
N PRO A 71 -20.37 -0.21 8.46
CA PRO A 71 -19.94 -0.57 7.13
C PRO A 71 -20.64 0.21 6.03
N VAL A 72 -21.97 0.39 6.11
CA VAL A 72 -22.69 1.08 5.03
C VAL A 72 -22.04 2.49 4.82
N MET A 73 -21.56 3.12 5.89
CA MET A 73 -20.98 4.48 5.81
C MET A 73 -19.58 4.43 5.21
N ASN A 74 -18.85 3.38 5.59
CA ASN A 74 -17.53 3.13 5.00
C ASN A 74 -17.63 2.80 3.51
N TYR A 75 -18.62 2.02 3.09
CA TYR A 75 -18.81 1.81 1.66
C TYR A 75 -19.07 3.17 0.95
N GLY A 76 -19.98 3.95 1.49
CA GLY A 76 -20.26 5.28 0.95
C GLY A 76 -19.04 6.14 0.83
N THR A 77 -18.20 6.10 1.86
CA THR A 77 -17.03 7.00 1.89
C THR A 77 -16.07 6.53 0.81
N TYR A 78 -15.83 5.22 0.74
CA TYR A 78 -15.06 4.57 -0.30
C TYR A 78 -15.58 4.94 -1.71
N LEU A 79 -16.86 4.85 -1.91
CA LEU A 79 -17.41 5.13 -3.24
C LEU A 79 -17.22 6.57 -3.67
N ARG A 80 -17.40 7.47 -2.72
CA ARG A 80 -17.26 8.89 -2.88
C ARG A 80 -15.86 9.23 -3.31
N THR A 81 -14.89 8.73 -2.55
CA THR A 81 -13.47 8.95 -2.78
C THR A 81 -12.98 8.34 -4.11
N VAL A 82 -13.31 7.07 -4.43
CA VAL A 82 -12.72 6.46 -5.60
C VAL A 82 -13.41 6.97 -6.81
N GLY A 83 -14.71 7.32 -6.67
CA GLY A 83 -15.45 7.88 -7.79
C GLY A 83 -14.94 9.23 -8.20
N ILE A 84 -14.62 10.11 -7.24
CA ILE A 84 -14.07 11.43 -7.55
C ILE A 84 -12.67 11.24 -8.10
N ASP A 85 -11.91 10.39 -7.41
CA ASP A 85 -10.57 10.10 -7.80
C ASP A 85 -10.42 9.55 -9.19
N ALA A 86 -11.29 8.60 -9.55
CA ALA A 86 -11.33 8.06 -10.90
C ALA A 86 -11.59 9.18 -11.95
N ALA A 87 -12.62 10.04 -11.72
CA ALA A 87 -12.83 11.24 -12.58
C ALA A 87 -11.62 12.15 -12.72
N ILE A 88 -10.98 12.51 -11.60
CA ILE A 88 -9.76 13.30 -11.60
C ILE A 88 -8.62 12.66 -12.39
N LEU A 89 -8.34 11.38 -12.14
CA LEU A 89 -7.17 10.70 -12.66
C LEU A 89 -7.28 10.62 -14.16
N GLU A 90 -8.46 10.34 -14.67
CA GLU A 90 -8.63 10.25 -16.12
C GLU A 90 -8.25 11.56 -16.79
N PHE A 91 -8.67 12.67 -16.19
CA PHE A 91 -8.38 13.99 -16.74
C PHE A 91 -6.91 14.35 -16.59
N LEU A 92 -6.28 13.97 -15.48
CA LEU A 92 -4.90 14.35 -15.22
C LEU A 92 -3.99 13.55 -16.06
N VAL A 93 -4.36 12.29 -16.30
CA VAL A 93 -3.59 11.45 -17.21
C VAL A 93 -3.64 12.01 -18.63
N ALA A 94 -4.78 12.51 -19.06
CA ALA A 94 -4.94 13.06 -20.40
C ALA A 94 -4.36 14.47 -20.52
N ASN A 95 -4.33 15.21 -19.41
CA ASN A 95 -3.90 16.62 -19.43
C ASN A 95 -2.81 16.84 -18.42
N GLU A 96 -1.60 16.93 -18.94
CA GLU A 96 -0.40 17.08 -18.15
C GLU A 96 -0.36 18.37 -17.28
N LYS A 97 -0.58 19.53 -17.92
CA LYS A 97 -0.58 20.81 -17.22
C LYS A 97 -2.03 21.12 -16.95
N VAL A 98 -2.41 21.02 -15.68
CA VAL A 98 -3.80 21.14 -15.27
C VAL A 98 -3.83 21.89 -13.92
N GLN A 99 -4.94 22.57 -13.63
CA GLN A 99 -5.07 23.12 -12.33
C GLN A 99 -6.32 22.51 -11.72
N VAL A 100 -6.24 22.21 -10.43
CA VAL A 100 -7.40 21.70 -9.67
C VAL A 100 -7.75 22.78 -8.66
N VAL A 101 -9.02 23.14 -8.65
CA VAL A 101 -9.57 24.00 -7.64
C VAL A 101 -10.51 23.16 -6.81
N ASN A 102 -10.21 23.07 -5.52
CA ASN A 102 -11.02 22.27 -4.66
C ASN A 102 -11.85 23.17 -3.76
N LEU A 103 -13.13 23.30 -4.10
CA LEU A 103 -14.02 24.25 -3.41
C LEU A 103 -14.65 23.66 -2.08
N GLY A 104 -14.56 24.33 -0.93
CA GLY A 104 -14.99 23.74 0.29
C GLY A 104 -14.19 22.48 0.58
N CYS A 105 -12.86 22.63 0.54
CA CYS A 105 -11.93 21.49 0.62
C CYS A 105 -11.92 20.74 1.94
N GLY A 106 -12.39 21.39 3.02
CA GLY A 106 -12.33 20.87 4.40
C GLY A 106 -10.91 20.29 4.61
N SER A 107 -10.83 19.06 5.11
CA SER A 107 -9.54 18.39 5.44
C SER A 107 -9.06 17.46 4.34
N ASP A 108 -9.58 17.65 3.14
CA ASP A 108 -9.24 16.78 1.99
C ASP A 108 -7.73 16.72 1.87
N LEU A 109 -7.15 15.50 1.83
CA LEU A 109 -5.71 15.29 1.44
C LEU A 109 -5.42 14.69 0.08
N ARG A 110 -6.39 14.67 -0.83
CA ARG A 110 -6.08 14.13 -2.16
C ARG A 110 -4.94 14.91 -2.85
N MET A 111 -4.76 16.21 -2.57
CA MET A 111 -3.60 16.94 -3.16
C MET A 111 -2.28 16.23 -2.88
N LEU A 112 -2.13 15.65 -1.68
CA LEU A 112 -0.82 15.07 -1.29
C LEU A 112 -0.29 14.03 -2.29
N PRO A 113 -1.05 12.98 -2.64
CA PRO A 113 -0.57 12.10 -3.69
C PRO A 113 -0.61 12.79 -5.06
N LEU A 114 -1.71 13.49 -5.39
CA LEU A 114 -1.89 14.08 -6.74
C LEU A 114 -0.75 14.96 -7.15
N LEU A 115 -0.26 15.75 -6.21
CA LEU A 115 0.82 16.67 -6.48
C LEU A 115 2.13 15.93 -6.79
N GLN A 116 2.37 14.80 -6.12
CA GLN A 116 3.52 13.92 -6.35
C GLN A 116 3.47 13.26 -7.70
N MET A 117 2.30 12.72 -7.99
CA MET A 117 1.98 11.86 -9.12
C MET A 117 1.95 12.57 -10.42
N PHE A 118 1.65 13.87 -10.37
CA PHE A 118 1.46 14.72 -11.54
C PHE A 118 2.32 15.98 -11.40
N PRO A 119 3.56 15.93 -11.89
CA PRO A 119 4.56 17.00 -11.73
C PRO A 119 4.15 18.42 -12.17
N HIS A 120 3.18 18.49 -13.09
CA HIS A 120 2.73 19.72 -13.72
C HIS A 120 1.34 20.09 -13.31
N LEU A 121 0.82 19.38 -12.33
CA LEU A 121 -0.40 19.79 -11.65
C LEU A 121 -0.21 20.97 -10.65
N ALA A 122 -1.07 22.00 -10.74
CA ALA A 122 -1.17 23.02 -9.68
C ALA A 122 -2.51 22.79 -9.00
N TYR A 123 -2.57 22.99 -7.68
CA TYR A 123 -3.78 22.66 -6.93
C TYR A 123 -4.10 23.79 -5.95
N VAL A 124 -5.37 24.13 -5.80
CA VAL A 124 -5.73 25.27 -4.95
C VAL A 124 -6.82 24.76 -4.06
N ASP A 125 -6.57 24.78 -2.75
CA ASP A 125 -7.63 24.49 -1.77
C ASP A 125 -8.34 25.78 -1.24
N ILE A 126 -9.68 25.81 -1.19
CA ILE A 126 -10.45 27.00 -0.83
C ILE A 126 -11.53 26.57 0.20
N ASP A 127 -11.52 27.24 1.37
CA ASP A 127 -12.56 26.98 2.34
C ASP A 127 -12.63 28.27 3.17
N TYR A 128 -13.63 28.38 4.03
CA TYR A 128 -13.72 29.52 4.93
C TYR A 128 -12.40 29.74 5.60
N ASN A 129 -12.13 31.00 5.93
CA ASN A 129 -10.97 31.37 6.73
C ASN A 129 -10.67 30.46 7.93
N GLU A 130 -11.55 30.40 8.90
CA GLU A 130 -11.36 29.52 10.06
C GLU A 130 -10.92 28.07 9.72
N SER A 131 -11.46 27.52 8.65
CA SER A 131 -11.21 26.14 8.26
C SER A 131 -9.84 26.00 7.65
N VAL A 132 -9.45 26.94 6.79
CA VAL A 132 -8.16 26.89 6.14
C VAL A 132 -7.02 27.25 7.12
N GLU A 133 -7.32 28.04 8.17
CA GLU A 133 -6.35 28.39 9.26
C GLU A 133 -6.03 27.12 10.02
N LEU A 134 -7.06 26.35 10.34
CA LEU A 134 -6.83 25.06 10.98
C LEU A 134 -6.06 24.07 10.08
N LYS A 135 -6.45 23.92 8.82
CA LYS A 135 -5.77 23.05 7.86
C LYS A 135 -4.32 23.50 7.75
N ASN A 136 -4.07 24.81 7.58
CA ASN A 136 -2.71 25.32 7.49
C ASN A 136 -1.87 24.97 8.78
N SER A 137 -2.47 25.14 9.95
CA SER A 137 -1.82 24.71 11.17
C SER A 137 -1.36 23.25 11.17
N ILE A 138 -2.27 22.36 10.82
CA ILE A 138 -2.01 20.91 10.81
C ILE A 138 -0.95 20.56 9.78
N LEU A 139 -1.09 21.07 8.58
CA LEU A 139 -0.15 20.79 7.48
C LEU A 139 1.31 21.17 7.77
N ARG A 140 1.49 22.35 8.37
CA ARG A 140 2.81 22.88 8.80
C ARG A 140 3.32 22.30 10.06
N GLU A 141 2.44 21.95 11.00
CA GLU A 141 2.89 21.37 12.28
C GLU A 141 3.37 19.94 12.09
N SER A 142 2.63 19.16 11.35
CA SER A 142 3.06 17.81 11.12
C SER A 142 4.32 17.69 10.20
N GLU A 143 5.38 17.06 10.72
CA GLU A 143 6.59 16.87 9.92
C GLU A 143 6.35 16.12 8.57
N ILE A 144 5.71 14.96 8.62
CA ILE A 144 5.37 14.23 7.40
C ILE A 144 4.48 15.01 6.40
N LEU A 145 3.56 15.85 6.88
CA LEU A 145 2.69 16.60 5.92
C LEU A 145 3.42 17.78 5.35
N ARG A 146 4.26 18.42 6.17
CA ARG A 146 5.16 19.48 5.73
C ARG A 146 6.04 18.99 4.59
N ILE A 147 6.73 17.88 4.84
CA ILE A 147 7.59 17.24 3.86
C ILE A 147 6.87 16.95 2.55
N SER A 148 5.60 16.46 2.63
CA SER A 148 4.80 16.11 1.47
C SER A 148 4.41 17.35 0.62
N LEU A 149 4.74 18.56 1.11
CA LEU A 149 4.25 19.75 0.46
C LEU A 149 5.41 20.63 0.22
N GLY A 150 6.56 20.18 0.70
CA GLY A 150 7.78 20.97 0.73
C GLY A 150 7.71 22.22 1.54
N LEU A 151 6.83 22.22 2.54
CA LEU A 151 6.57 23.37 3.41
C LEU A 151 7.60 23.66 4.50
N SER A 152 7.62 24.91 4.97
CA SER A 152 8.30 25.26 6.23
C SER A 152 7.27 25.35 7.35
N LYS A 153 7.74 25.25 8.58
CA LYS A 153 6.80 25.24 9.73
C LYS A 153 6.27 26.66 10.05
N GLU A 154 7.08 27.68 9.76
CA GLU A 154 6.66 29.08 9.90
C GLU A 154 5.82 29.48 8.69
N ASP A 155 4.57 29.90 8.94
CA ASP A 155 3.63 30.30 7.89
C ASP A 155 4.32 31.47 7.23
N THR A 156 4.73 31.32 5.97
CA THR A 156 5.56 32.36 5.29
C THR A 156 4.91 32.98 4.03
N ALA A 157 3.62 32.66 3.85
CA ALA A 157 2.81 33.04 2.68
C ALA A 157 2.01 34.35 2.88
N LYS A 158 1.74 35.07 1.80
CA LYS A 158 1.13 36.39 1.91
C LYS A 158 -0.34 36.19 1.66
N SER A 159 -1.19 36.88 2.44
CA SER A 159 -2.61 36.94 2.09
C SER A 159 -2.56 37.16 0.58
N PRO A 160 -3.51 36.64 -0.22
CA PRO A 160 -4.67 35.84 0.24
C PRO A 160 -4.39 34.36 0.58
N PHE A 161 -3.10 33.99 0.74
CA PHE A 161 -2.77 32.57 0.85
C PHE A 161 -2.22 32.22 2.20
N LEU A 162 -2.61 31.06 2.69
CA LEU A 162 -2.01 30.55 3.95
C LEU A 162 -0.81 29.66 3.61
N ILE A 163 -0.95 28.99 2.46
CA ILE A 163 0.10 28.21 1.79
C ILE A 163 0.17 28.64 0.34
N ASP A 164 1.37 28.93 -0.11
CA ASP A 164 1.68 29.29 -1.48
C ASP A 164 3.04 28.63 -1.77
N GLN A 165 3.03 27.31 -1.81
CA GLN A 165 4.26 26.57 -1.80
C GLN A 165 4.24 25.85 -3.09
N GLY A 166 4.56 26.59 -4.16
CA GLY A 166 4.81 26.03 -5.49
C GLY A 166 3.61 25.56 -6.28
N ARG A 167 3.31 24.26 -6.28
CA ARG A 167 2.12 23.89 -7.02
C ARG A 167 0.86 23.75 -6.15
N TYR A 168 0.97 24.18 -4.91
CA TYR A 168 -0.14 24.09 -3.98
C TYR A 168 -0.33 25.42 -3.30
N LYS A 169 -1.62 25.82 -3.22
CA LYS A 169 -2.09 27.00 -2.53
C LYS A 169 -3.25 26.62 -1.65
N LEU A 170 -3.23 27.13 -0.42
CA LEU A 170 -4.34 26.94 0.47
C LEU A 170 -4.89 28.35 0.72
N ALA A 171 -6.13 28.65 0.33
CA ALA A 171 -6.56 30.03 0.47
C ALA A 171 -7.94 30.16 1.08
N ALA A 172 -8.14 31.15 1.95
CA ALA A 172 -9.47 31.41 2.55
C ALA A 172 -10.39 32.13 1.55
N CYS A 173 -11.67 31.82 1.57
CA CYS A 173 -12.66 32.52 0.75
C CYS A 173 -14.04 32.10 1.21
N ASP A 174 -14.93 33.05 1.37
CA ASP A 174 -16.35 32.70 1.44
C ASP A 174 -16.87 32.58 -0.02
N LEU A 175 -17.26 31.36 -0.40
CA LEU A 175 -17.71 31.02 -1.73
C LEU A 175 -19.19 31.47 -2.01
N ASN A 176 -19.87 31.94 -0.98
CA ASN A 176 -21.09 32.73 -1.15
C ASN A 176 -20.80 34.15 -1.67
N ASP A 177 -19.54 34.53 -1.70
CA ASP A 177 -19.14 35.88 -2.11
C ASP A 177 -18.48 35.83 -3.47
N ILE A 178 -19.25 36.03 -4.52
CA ILE A 178 -18.68 35.82 -5.86
C ILE A 178 -17.51 36.73 -6.21
N THR A 179 -17.47 37.93 -5.64
CA THR A 179 -16.41 38.84 -6.03
C THR A 179 -15.17 38.45 -5.29
N GLU A 180 -15.30 38.05 -4.03
CA GLU A 180 -14.12 37.58 -3.32
C GLU A 180 -13.58 36.36 -4.04
N THR A 181 -14.47 35.47 -4.49
CA THR A 181 -14.08 34.23 -5.18
C THR A 181 -13.35 34.46 -6.51
N THR A 182 -13.89 35.34 -7.38
CA THR A 182 -13.27 35.56 -8.68
C THR A 182 -11.95 36.30 -8.50
N ARG A 183 -11.89 37.23 -7.52
CA ARG A 183 -10.62 37.88 -7.16
C ARG A 183 -9.58 36.88 -6.72
N LEU A 184 -10.02 35.92 -5.88
CA LEU A 184 -9.09 34.87 -5.38
C LEU A 184 -8.58 34.05 -6.61
N LEU A 185 -9.50 33.65 -7.48
CA LEU A 185 -9.11 32.87 -8.65
C LEU A 185 -8.17 33.61 -9.56
N ASP A 186 -8.32 34.92 -9.72
CA ASP A 186 -7.51 35.65 -10.67
C ASP A 186 -6.02 35.54 -10.33
N VAL A 187 -5.73 35.38 -9.04
CA VAL A 187 -4.36 35.38 -8.57
C VAL A 187 -3.86 33.95 -8.28
N CYS A 188 -4.70 32.95 -8.47
CA CYS A 188 -4.13 31.62 -8.37
C CYS A 188 -4.45 30.69 -9.52
N THR A 189 -5.14 31.17 -10.55
CA THR A 189 -5.38 30.26 -11.65
C THR A 189 -5.19 31.00 -12.98
N LYS A 190 -5.18 30.26 -14.09
CA LYS A 190 -5.14 30.88 -15.41
C LYS A 190 -6.30 30.37 -16.18
N ARG A 191 -6.98 31.27 -16.90
CA ARG A 191 -7.98 30.91 -17.93
C ARG A 191 -7.61 29.74 -18.88
N GLU A 192 -6.44 29.81 -19.48
CA GLU A 192 -6.02 28.95 -20.57
C GLU A 192 -5.60 27.52 -20.13
N ILE A 193 -5.49 27.27 -18.83
CA ILE A 193 -5.06 25.93 -18.32
C ILE A 193 -6.29 25.04 -18.05
N PRO A 194 -6.29 23.80 -18.58
CA PRO A 194 -7.40 22.85 -18.33
C PRO A 194 -7.59 22.78 -16.86
N THR A 195 -8.83 22.91 -16.42
CA THR A 195 -9.09 23.12 -15.01
C THR A 195 -10.07 22.09 -14.43
N ILE A 196 -9.68 21.40 -13.36
CA ILE A 196 -10.68 20.59 -12.73
C ILE A 196 -11.21 21.31 -11.53
N VAL A 197 -12.53 21.39 -11.41
CA VAL A 197 -13.18 21.95 -10.20
C VAL A 197 -13.80 20.85 -9.37
N ILE A 198 -13.51 20.80 -8.07
CA ILE A 198 -14.08 19.78 -7.19
C ILE A 198 -14.99 20.46 -6.15
N SER A 199 -16.23 20.03 -6.08
CA SER A 199 -17.11 20.50 -4.99
C SER A 199 -17.68 19.21 -4.38
N GLU A 200 -17.12 18.80 -3.26
CA GLU A 200 -17.51 17.54 -2.72
C GLU A 200 -18.20 17.84 -1.46
N SMC A 201 -19.53 17.75 -1.45
CA SMC A 201 -20.34 18.12 -0.28
CB SMC A 201 -20.06 17.21 0.92
SG SMC A 201 -20.60 15.54 0.60
CS SMC A 201 -22.25 15.41 1.23
C SMC A 201 -20.12 19.58 0.06
O SMC A 201 -19.95 19.95 1.20
N LEU A 202 -20.09 20.41 -0.97
CA LEU A 202 -20.03 21.88 -0.81
C LEU A 202 -21.34 22.55 -1.22
N LEU A 203 -21.77 22.30 -2.46
CA LEU A 203 -22.93 22.97 -2.96
C LEU A 203 -24.20 22.73 -2.14
N CYS A 204 -24.30 21.55 -1.52
CA CYS A 204 -25.44 21.20 -0.64
C CYS A 204 -25.63 22.21 0.52
N TYR A 205 -24.60 22.95 0.88
CA TYR A 205 -24.70 23.91 2.00
C TYR A 205 -25.07 25.30 1.54
N MET A 206 -25.19 25.47 0.21
CA MET A 206 -25.47 26.77 -0.41
C MET A 206 -26.89 27.01 -0.91
N HIS A 207 -27.30 28.26 -0.93
CA HIS A 207 -28.61 28.62 -1.48
C HIS A 207 -28.48 28.53 -2.94
N ASN A 208 -29.58 28.26 -3.64
CA ASN A 208 -29.51 28.09 -5.11
C ASN A 208 -28.86 29.25 -5.89
N ASN A 209 -29.17 30.50 -5.52
CA ASN A 209 -28.55 31.66 -6.19
C ASN A 209 -27.03 31.62 -6.13
N GLU A 210 -26.51 31.40 -4.92
CA GLU A 210 -25.07 31.41 -4.64
C GLU A 210 -24.35 30.28 -5.37
N SER A 211 -24.90 29.07 -5.28
CA SER A 211 -24.35 27.91 -5.97
C SER A 211 -24.45 28.04 -7.45
N GLN A 212 -25.57 28.51 -7.97
CA GLN A 212 -25.67 28.70 -9.43
C GLN A 212 -24.76 29.78 -9.94
N LEU A 213 -24.65 30.89 -9.22
CA LEU A 213 -23.65 31.94 -9.57
C LEU A 213 -22.23 31.40 -9.59
N LEU A 214 -21.87 30.61 -8.57
CA LEU A 214 -20.56 30.06 -8.47
C LEU A 214 -20.26 29.08 -9.60
N ILE A 215 -21.21 28.18 -9.94
CA ILE A 215 -21.13 27.29 -11.10
C ILE A 215 -20.89 28.05 -12.44
N ASN A 216 -21.80 28.94 -12.79
CA ASN A 216 -21.73 29.75 -14.01
C ASN A 216 -20.40 30.50 -14.11
N THR A 217 -20.05 31.19 -13.02
CA THR A 217 -18.90 32.09 -13.00
C THR A 217 -17.61 31.30 -13.15
N ILE A 218 -17.46 30.26 -12.34
CA ILE A 218 -16.24 29.45 -12.38
C ILE A 218 -16.14 28.77 -13.76
N MET A 219 -17.21 28.20 -14.28
CA MET A 219 -17.11 27.63 -15.62
C MET A 219 -16.70 28.66 -16.65
N SER A 220 -17.21 29.89 -16.52
CA SER A 220 -16.84 30.98 -17.44
C SER A 220 -15.41 31.49 -17.37
N LYS A 221 -14.74 31.19 -16.27
CA LYS A 221 -13.39 31.65 -16.04
C LYS A 221 -12.32 30.83 -16.72
N PHE A 222 -12.73 29.66 -17.23
CA PHE A 222 -11.77 28.74 -17.82
C PHE A 222 -12.27 28.27 -19.16
N SER A 223 -11.38 28.34 -20.12
CA SER A 223 -11.60 27.91 -21.47
C SER A 223 -12.10 26.47 -21.47
N HIS A 224 -11.38 25.59 -20.78
CA HIS A 224 -11.75 24.18 -20.70
C HIS A 224 -11.55 23.57 -19.35
N GLY A 225 -12.39 22.59 -19.02
CA GLY A 225 -12.22 21.92 -17.76
C GLY A 225 -13.25 20.84 -17.48
N LEU A 226 -13.30 20.41 -16.22
CA LEU A 226 -14.18 19.35 -15.77
C LEU A 226 -14.52 19.72 -14.35
N TRP A 227 -15.83 19.83 -14.09
CA TRP A 227 -16.33 20.01 -12.77
C TRP A 227 -16.77 18.64 -12.30
N ILE A 228 -16.27 18.20 -11.16
CA ILE A 228 -16.72 17.01 -10.51
C ILE A 228 -17.43 17.42 -9.24
N SER A 229 -18.74 17.13 -9.15
CA SER A 229 -19.46 17.47 -7.98
C SER A 229 -20.05 16.19 -7.36
N TYR A 230 -19.98 16.14 -6.03
CA TYR A 230 -20.57 15.09 -5.26
C TYR A 230 -21.42 15.76 -4.19
N ASP A 231 -22.64 15.24 -4.01
CA ASP A 231 -23.59 15.81 -3.09
C ASP A 231 -24.69 14.77 -2.86
N PRO A 232 -25.44 14.92 -1.78
CA PRO A 232 -26.67 14.15 -1.65
C PRO A 232 -27.79 14.72 -2.54
N ILE A 233 -28.85 13.92 -2.72
CA ILE A 233 -30.08 14.46 -3.29
C ILE A 233 -31.24 14.02 -2.38
N GLY A 234 -32.32 14.80 -2.26
CA GLY A 234 -33.49 14.40 -1.49
C GLY A 234 -34.29 13.22 -2.05
N GLY A 235 -34.09 12.88 -3.34
CA GLY A 235 -34.76 11.70 -3.91
C GLY A 235 -36.13 12.01 -4.45
N SER A 236 -36.40 11.45 -5.63
CA SER A 236 -37.61 11.83 -6.41
C SER A 236 -38.77 10.83 -6.36
N GLN A 237 -38.50 9.55 -6.12
CA GLN A 237 -39.62 8.59 -5.97
C GLN A 237 -40.70 9.13 -5.01
N PRO A 238 -41.99 8.82 -5.25
CA PRO A 238 -43.04 9.20 -4.28
C PRO A 238 -42.73 8.49 -2.94
N ASN A 239 -43.02 9.15 -1.82
CA ASN A 239 -42.94 8.53 -0.50
C ASN A 239 -41.45 8.26 -0.12
N ASP A 240 -40.53 8.89 -0.86
CA ASP A 240 -39.14 8.85 -0.46
C ASP A 240 -38.96 9.98 0.49
N ARG A 241 -38.63 9.64 1.74
CA ARG A 241 -38.53 10.64 2.77
C ARG A 241 -37.09 11.00 3.13
N PHE A 242 -36.10 10.32 2.53
CA PHE A 242 -34.67 10.63 2.69
C PHE A 242 -34.36 12.11 2.82
N GLY A 243 -34.83 12.94 1.89
CA GLY A 243 -34.53 14.37 1.90
C GLY A 243 -35.18 15.09 3.08
N ALA A 244 -36.50 14.91 3.21
CA ALA A 244 -37.29 15.35 4.35
C ALA A 244 -36.66 14.96 5.70
N ILE A 245 -36.24 13.70 5.80
CA ILE A 245 -35.64 13.15 7.01
C ILE A 245 -34.33 13.82 7.24
N MET A 246 -33.53 13.96 6.19
CA MET A 246 -32.19 14.52 6.30
C MET A 246 -32.22 15.98 6.70
N GLN A 247 -33.00 16.79 5.98
CA GLN A 247 -33.21 18.19 6.40
C GLN A 247 -33.72 18.36 7.85
N SER A 248 -34.75 17.62 8.25
CA SER A 248 -35.26 17.69 9.62
C SER A 248 -34.19 17.37 10.63
N ASN A 249 -33.52 16.22 10.44
CA ASN A 249 -32.44 15.77 11.33
C ASN A 249 -31.28 16.77 11.49
N LEU A 250 -30.91 17.47 10.41
CA LEU A 250 -29.82 18.48 10.46
C LEU A 250 -30.23 19.76 11.13
N LYS A 251 -31.50 20.15 10.93
CA LYS A 251 -32.11 21.32 11.58
C LYS A 251 -32.30 21.13 13.10
N GLU A 252 -32.80 19.96 13.51
CA GLU A 252 -32.93 19.63 14.93
C GLU A 252 -31.56 19.38 15.60
N SER A 253 -30.74 18.53 15.00
CA SER A 253 -29.39 18.23 15.53
C SER A 253 -28.42 19.44 15.58
N ARG A 254 -28.17 20.07 14.45
CA ARG A 254 -27.05 21.01 14.32
C ARG A 254 -27.43 22.45 13.92
N ASN A 255 -28.73 22.63 13.61
CA ASN A 255 -29.25 23.90 13.10
C ASN A 255 -28.71 24.08 11.72
N LEU A 256 -28.62 22.97 11.00
CA LEU A 256 -27.87 22.96 9.74
C LEU A 256 -28.77 22.82 8.51
N GLU A 257 -28.50 23.62 7.49
CA GLU A 257 -29.35 23.53 6.31
C GLU A 257 -28.72 23.09 5.06
N MET A 258 -29.58 22.46 4.27
CA MET A 258 -29.22 21.97 2.97
C MET A 258 -30.33 22.50 2.06
N PRO A 259 -30.20 23.78 1.63
CA PRO A 259 -31.33 24.51 1.08
C PRO A 259 -31.93 23.93 -0.19
N THR A 260 -31.14 23.23 -1.01
CA THR A 260 -31.65 22.75 -2.29
C THR A 260 -31.70 21.23 -2.40
N LEU A 261 -31.67 20.53 -1.25
CA LEU A 261 -31.75 19.07 -1.26
C LEU A 261 -33.04 18.62 -1.91
N MET A 262 -34.15 19.30 -1.62
CA MET A 262 -35.43 18.91 -2.23
C MET A 262 -35.68 19.44 -3.64
N THR A 263 -34.94 20.46 -4.01
CA THR A 263 -35.10 21.12 -5.29
C THR A 263 -34.36 20.21 -6.24
N TYR A 264 -33.13 19.83 -5.88
CA TYR A 264 -32.34 18.90 -6.71
C TYR A 264 -32.47 17.55 -6.05
N ASN A 265 -33.65 16.97 -6.20
CA ASN A 265 -33.99 15.74 -5.51
C ASN A 265 -33.76 14.50 -6.40
N SER A 266 -33.37 14.72 -7.65
CA SER A 266 -32.88 13.66 -8.50
C SER A 266 -31.62 14.05 -9.23
N LYS A 267 -30.94 13.04 -9.72
CA LYS A 267 -29.70 13.20 -10.48
C LYS A 267 -29.79 14.09 -11.70
N GLU A 268 -30.90 14.02 -12.44
CA GLU A 268 -31.10 14.78 -13.63
C GLU A 268 -31.33 16.22 -13.29
N LYS A 269 -32.11 16.53 -12.24
CA LYS A 269 -32.26 17.93 -11.77
C LYS A 269 -30.96 18.51 -11.26
N TYR A 270 -30.22 17.67 -10.55
CA TYR A 270 -28.95 18.07 -10.03
C TYR A 270 -28.04 18.43 -11.22
N ALA A 271 -27.94 17.51 -12.16
CA ALA A 271 -27.01 17.71 -13.27
C ALA A 271 -27.40 18.95 -14.10
N SER A 272 -28.68 19.18 -14.30
CA SER A 272 -29.17 20.36 -15.01
C SER A 272 -28.53 21.73 -14.59
N ARG A 273 -27.86 21.80 -13.43
CA ARG A 273 -27.25 23.04 -12.97
C ARG A 273 -26.00 23.33 -13.78
N TRP A 274 -25.47 22.29 -14.42
CA TRP A 274 -24.35 22.47 -15.34
C TRP A 274 -24.75 22.39 -16.79
N SER A 275 -26.00 22.70 -17.10
CA SER A 275 -26.50 22.69 -18.47
C SER A 275 -25.70 23.62 -19.47
N ALA A 276 -24.92 24.58 -18.96
CA ALA A 276 -24.06 25.36 -19.88
C ALA A 276 -22.88 24.56 -20.46
N ALA A 277 -22.43 23.50 -19.76
CA ALA A 277 -21.35 22.64 -20.22
C ALA A 277 -21.90 21.69 -21.32
N PRO A 278 -21.18 21.54 -22.44
CA PRO A 278 -21.62 20.64 -23.49
C PRO A 278 -21.69 19.17 -23.08
N ASN A 279 -20.97 18.78 -22.04
CA ASN A 279 -20.80 17.34 -21.69
C ASN A 279 -21.08 17.11 -20.21
N VAL A 280 -22.29 16.64 -19.88
CA VAL A 280 -22.65 16.45 -18.49
C VAL A 280 -22.97 14.96 -18.27
N ILE A 281 -22.24 14.32 -17.35
CA ILE A 281 -22.57 12.96 -16.98
C ILE A 281 -22.98 12.99 -15.54
N VAL A 282 -23.98 12.18 -15.19
CA VAL A 282 -24.41 12.09 -13.76
C VAL A 282 -24.78 10.63 -13.43
N ASN A 283 -24.34 10.19 -12.28
CA ASN A 283 -24.61 8.83 -11.75
C ASN A 283 -24.85 8.95 -10.26
N ASP A 284 -25.79 8.14 -9.74
CA ASP A 284 -25.84 7.98 -8.29
C ASP A 284 -24.83 6.94 -7.84
N MET A 285 -24.48 6.91 -6.54
CA MET A 285 -23.30 6.19 -6.10
C MET A 285 -23.53 4.70 -6.12
N TRP A 286 -24.79 4.29 -6.22
CA TRP A 286 -25.10 2.87 -6.40
C TRP A 286 -24.66 2.39 -7.80
N GLU A 287 -25.06 3.15 -8.81
CA GLU A 287 -24.63 3.02 -10.21
C GLU A 287 -23.10 2.99 -10.32
N ILE A 288 -22.39 3.88 -9.62
CA ILE A 288 -20.93 3.79 -9.53
C ILE A 288 -20.48 2.47 -8.89
N PHE A 289 -21.13 2.05 -7.81
CA PHE A 289 -20.72 0.81 -7.16
C PHE A 289 -20.83 -0.35 -8.14
N ASN A 290 -21.88 -0.35 -8.95
CA ASN A 290 -22.08 -1.44 -9.91
C ASN A 290 -21.25 -1.30 -11.17
N ALA A 291 -21.02 -0.06 -11.62
CA ALA A 291 -20.34 0.15 -12.88
C ALA A 291 -18.82 0.32 -12.79
N GLN A 292 -18.30 0.88 -11.69
CA GLN A 292 -16.87 1.25 -11.61
C GLN A 292 -16.04 0.40 -10.64
N ILE A 293 -16.70 -0.30 -9.75
CA ILE A 293 -16.01 -1.01 -8.70
C ILE A 293 -15.78 -2.41 -9.26
N PRO A 294 -14.52 -2.81 -9.48
CA PRO A 294 -14.25 -4.12 -10.03
C PRO A 294 -14.58 -5.17 -9.01
N GLU A 295 -14.95 -6.36 -9.49
CA GLU A 295 -15.09 -7.50 -8.60
C GLU A 295 -13.87 -7.72 -7.64
N SER A 296 -12.64 -7.48 -8.09
CA SER A 296 -11.52 -7.57 -7.15
C SER A 296 -11.72 -6.66 -5.92
N GLU A 297 -12.20 -5.42 -6.12
CA GLU A 297 -12.46 -4.53 -4.99
C GLU A 297 -13.62 -4.96 -4.15
N ARG A 298 -14.64 -5.50 -4.80
CA ARG A 298 -15.86 -5.89 -4.10
C ARG A 298 -15.46 -6.99 -3.15
N LYS A 299 -14.65 -7.94 -3.61
CA LYS A 299 -14.12 -9.03 -2.80
C LYS A 299 -13.22 -8.52 -1.67
N ARG A 300 -12.38 -7.54 -1.97
CA ARG A 300 -11.44 -6.98 -0.96
C ARG A 300 -12.26 -6.25 0.12
N LEU A 301 -13.31 -5.51 -0.26
CA LEU A 301 -14.15 -4.86 0.75
C LEU A 301 -14.88 -5.84 1.66
N ARG A 302 -15.46 -6.91 1.09
CA ARG A 302 -16.08 -7.98 1.89
C ARG A 302 -15.13 -8.62 2.93
N SER A 303 -13.85 -8.70 2.62
CA SER A 303 -12.86 -9.26 3.55
C SER A 303 -12.64 -8.39 4.83
N LEU A 304 -12.92 -7.10 4.73
CA LEU A 304 -12.67 -6.14 5.80
C LEU A 304 -13.75 -6.09 6.89
N GLN A 305 -15.01 -5.98 6.43
CA GLN A 305 -16.19 -5.87 7.33
C GLN A 305 -17.36 -6.65 6.73
N PHE A 306 -18.36 -6.94 7.56
CA PHE A 306 -19.60 -7.57 7.13
C PHE A 306 -20.56 -6.47 6.71
N LEU A 307 -20.92 -6.39 5.43
CA LEU A 307 -22.01 -5.52 5.01
C LEU A 307 -23.21 -6.42 4.92
N ASP A 308 -23.97 -6.48 6.00
CA ASP A 308 -25.01 -7.44 6.10
C ASP A 308 -26.24 -6.94 5.35
N GLU A 309 -26.29 -5.62 5.10
CA GLU A 309 -27.51 -4.97 4.63
C GLU A 309 -27.23 -4.22 3.35
N LEU A 310 -27.03 -4.98 2.29
CA LEU A 310 -26.74 -4.37 0.99
C LEU A 310 -27.84 -3.43 0.49
N GLU A 311 -29.11 -3.77 0.76
CA GLU A 311 -30.24 -2.92 0.35
C GLU A 311 -30.20 -1.58 1.07
N GLU A 312 -29.78 -1.58 2.34
CA GLU A 312 -29.58 -0.32 3.08
C GLU A 312 -28.47 0.51 2.45
N LEU A 313 -27.40 -0.15 2.00
CA LEU A 313 -26.34 0.51 1.21
C LEU A 313 -26.93 1.17 -0.05
N LYS A 314 -27.66 0.37 -0.79
CA LYS A 314 -28.21 0.83 -2.05
C LYS A 314 -29.10 2.02 -1.75
N VAL A 315 -29.97 1.90 -0.74
CA VAL A 315 -30.90 3.01 -0.50
C VAL A 315 -30.18 4.34 -0.24
N MET A 316 -29.14 4.30 0.58
CA MET A 316 -28.37 5.49 0.92
C MET A 316 -27.65 6.01 -0.30
N GLN A 317 -27.04 5.10 -1.05
CA GLN A 317 -26.17 5.48 -2.17
C GLN A 317 -26.92 5.98 -3.41
N THR A 318 -28.15 5.53 -3.60
CA THR A 318 -28.98 6.21 -4.58
C THR A 318 -29.33 7.65 -4.20
N HIS A 319 -28.95 8.09 -3.01
CA HIS A 319 -29.26 9.51 -2.62
C HIS A 319 -28.03 10.43 -2.61
N TYR A 320 -26.96 9.94 -3.27
CA TYR A 320 -25.70 10.68 -3.46
C TYR A 320 -25.34 10.51 -4.89
N ILE A 321 -24.81 11.58 -5.48
CA ILE A 321 -24.50 11.53 -6.90
C ILE A 321 -23.14 12.07 -7.19
N LEU A 322 -22.61 11.69 -8.33
CA LEU A 322 -21.36 12.26 -8.81
C LEU A 322 -21.66 12.84 -10.17
N MET A 323 -21.57 14.17 -10.24
CA MET A 323 -21.86 14.88 -11.50
C MET A 323 -20.49 15.21 -12.16
N LYS A 324 -20.35 14.96 -13.46
CA LYS A 324 -19.14 15.33 -14.20
C LYS A 324 -19.50 16.21 -15.36
N ALA A 325 -19.12 17.51 -15.27
CA ALA A 325 -19.38 18.48 -16.32
C ALA A 325 -18.11 18.89 -17.01
N GLN A 326 -18.05 18.71 -18.33
CA GLN A 326 -16.89 19.07 -19.10
C GLN A 326 -17.23 20.09 -20.18
N TRP A 327 -16.33 21.05 -20.37
CA TRP A 327 -16.40 22.10 -21.38
C TRP A 327 -14.97 22.25 -21.88
N GLU B 1 24.40 -17.05 -27.98
CA GLU B 1 25.43 -16.38 -28.85
C GLU B 1 25.69 -15.01 -28.30
N ARG B 2 26.97 -14.83 -27.97
CA ARG B 2 27.52 -13.63 -27.35
C ARG B 2 27.40 -12.41 -28.27
N ILE B 3 27.54 -12.60 -29.57
CA ILE B 3 27.16 -11.58 -30.54
C ILE B 3 25.69 -11.11 -30.35
N ILE B 4 24.75 -12.03 -30.09
CA ILE B 4 23.38 -11.62 -29.88
C ILE B 4 23.14 -10.92 -28.51
N GLN B 5 23.78 -11.44 -27.45
CA GLN B 5 23.72 -10.80 -26.14
C GLN B 5 24.24 -9.33 -26.19
N GLN B 6 25.34 -9.09 -26.87
CA GLN B 6 25.90 -7.76 -26.98
C GLN B 6 25.05 -6.72 -27.74
N THR B 7 23.97 -7.18 -28.38
CA THR B 7 23.07 -6.26 -29.05
C THR B 7 22.50 -5.39 -27.92
N ASP B 8 22.49 -5.93 -26.73
CA ASP B 8 21.93 -5.17 -25.65
C ASP B 8 22.75 -3.92 -25.33
N TYR B 9 24.04 -3.92 -25.62
CA TYR B 9 24.83 -2.74 -25.31
C TYR B 9 24.44 -1.55 -26.16
N ASP B 10 23.93 -1.81 -27.36
CA ASP B 10 23.35 -0.79 -28.24
C ASP B 10 22.12 -0.28 -27.60
N ALA B 11 21.24 -1.22 -27.23
CA ALA B 11 19.97 -0.87 -26.65
C ALA B 11 20.12 -0.02 -25.37
N LEU B 12 21.00 -0.42 -24.47
CA LEU B 12 21.41 0.39 -23.31
C LEU B 12 22.04 1.78 -23.64
N SER B 13 22.97 1.80 -24.61
CA SER B 13 23.54 3.02 -25.11
C SER B 13 22.48 3.98 -25.59
N CYS B 14 21.59 3.48 -26.44
CA CYS B 14 20.45 4.24 -26.89
C CYS B 14 19.59 4.78 -25.74
N LYS B 15 19.28 3.90 -24.79
CA LYS B 15 18.46 4.28 -23.59
C LYS B 15 19.13 5.37 -22.77
N LEU B 16 20.41 5.16 -22.45
CA LEU B 16 21.09 6.17 -21.70
C LEU B 16 21.29 7.46 -22.48
N ALA B 17 21.45 7.36 -23.79
CA ALA B 17 21.69 8.59 -24.59
C ALA B 17 20.40 9.44 -24.56
N ALA B 18 19.26 8.77 -24.78
CA ALA B 18 17.93 9.43 -24.64
C ALA B 18 17.71 10.04 -23.27
N ILE B 19 18.13 9.35 -22.22
CA ILE B 19 17.97 9.95 -20.90
C ILE B 19 18.93 11.15 -20.75
N SER B 20 20.14 10.99 -21.30
CA SER B 20 21.16 12.00 -21.20
C SER B 20 20.76 13.37 -21.79
N VAL B 21 20.16 13.36 -22.98
CA VAL B 21 19.60 14.58 -23.56
C VAL B 21 18.25 15.04 -22.98
N GLY B 22 17.67 14.25 -22.10
CA GLY B 22 16.44 14.59 -21.42
C GLY B 22 15.14 14.20 -22.10
N TYR B 23 15.21 13.59 -23.29
CA TYR B 23 14.01 13.04 -23.98
C TYR B 23 13.27 12.12 -23.04
N LEU B 24 14.00 11.19 -22.39
CA LEU B 24 13.47 10.42 -21.26
C LEU B 24 14.05 10.88 -19.92
N PRO B 25 13.32 10.75 -18.80
CA PRO B 25 11.95 10.27 -18.78
C PRO B 25 10.98 11.31 -19.34
N SER B 26 9.78 10.83 -19.67
CA SER B 26 8.65 11.64 -20.00
C SER B 26 7.61 11.34 -18.93
N SER B 27 7.47 12.20 -17.95
CA SER B 27 6.58 11.95 -16.80
C SER B 27 5.12 11.79 -17.22
N GLY B 28 4.75 12.49 -18.28
CA GLY B 28 3.42 12.41 -18.89
C GLY B 28 3.14 11.07 -19.53
N LEU B 29 3.97 10.67 -20.49
CA LEU B 29 3.71 9.47 -21.26
C LEU B 29 4.08 8.22 -20.49
N GLN B 30 5.09 8.35 -19.64
CA GLN B 30 5.50 7.23 -18.81
C GLN B 30 4.75 7.19 -17.47
N ARG B 31 3.87 8.18 -17.27
CA ARG B 31 3.06 8.38 -16.03
C ARG B 31 3.88 8.34 -14.75
N LEU B 32 4.99 9.08 -14.73
CA LEU B 32 5.91 9.02 -13.60
C LEU B 32 5.69 10.13 -12.62
N SER B 33 5.82 9.82 -11.35
CA SER B 33 5.66 10.83 -10.38
C SER B 33 6.87 11.76 -10.35
N VAL B 34 6.84 12.80 -9.52
CA VAL B 34 8.02 13.70 -9.33
C VAL B 34 9.26 12.85 -8.96
N ASP B 35 9.08 11.93 -8.01
CA ASP B 35 10.15 11.12 -7.42
C ASP B 35 10.62 10.06 -8.43
N LEU B 36 9.69 9.43 -9.17
CA LEU B 36 10.05 8.35 -10.06
C LEU B 36 10.62 8.89 -11.35
N SER B 37 10.30 10.13 -11.72
CA SER B 37 11.02 10.79 -12.83
C SER B 37 12.50 10.96 -12.42
N LYS B 38 12.73 11.43 -11.20
CA LYS B 38 14.09 11.65 -10.67
C LYS B 38 14.77 10.31 -10.67
N LYS B 39 14.19 9.36 -9.94
CA LYS B 39 14.72 7.99 -9.88
C LYS B 39 15.01 7.38 -11.27
N TYR B 40 14.15 7.59 -12.23
CA TYR B 40 14.36 6.98 -13.53
C TYR B 40 15.80 7.25 -14.00
N THR B 41 16.19 8.53 -13.92
CA THR B 41 17.46 9.00 -14.41
C THR B 41 18.57 8.49 -13.49
N GLU B 42 18.31 8.50 -12.20
CA GLU B 42 19.27 8.05 -11.21
C GLU B 42 19.57 6.56 -11.27
N TRP B 43 18.54 5.75 -11.38
CA TRP B 43 18.72 4.31 -11.56
C TRP B 43 19.47 3.98 -12.83
N HIS B 44 19.22 4.68 -13.93
CA HIS B 44 19.98 4.46 -15.18
C HIS B 44 21.42 4.97 -15.07
N ARG B 45 21.60 6.10 -14.35
CA ARG B 45 22.91 6.66 -14.05
CA ARG B 45 22.94 6.64 -14.13
C ARG B 45 23.78 5.59 -13.40
N SER B 46 23.27 5.13 -12.25
CA SER B 46 23.86 4.08 -11.43
C SER B 46 24.10 2.78 -12.24
N TYR B 47 23.15 2.40 -13.09
CA TYR B 47 23.33 1.19 -13.86
C TYR B 47 24.60 1.25 -14.73
N LEU B 48 24.79 2.33 -15.49
CA LEU B 48 25.99 2.59 -16.27
C LEU B 48 27.25 2.61 -15.39
N ILE B 49 27.21 3.35 -14.28
CA ILE B 49 28.36 3.41 -13.35
C ILE B 49 28.70 2.02 -12.81
N THR B 50 27.66 1.25 -12.54
CA THR B 50 27.85 -0.14 -12.08
C THR B 50 28.29 -1.08 -13.19
N LEU B 51 27.80 -0.88 -14.41
CA LEU B 51 28.38 -1.59 -15.54
C LEU B 51 29.89 -1.40 -15.61
N LYS B 52 30.36 -0.16 -15.44
CA LYS B 52 31.80 0.09 -15.47
C LYS B 52 32.51 -0.79 -14.46
N LYS B 53 32.02 -0.81 -13.23
CA LYS B 53 32.59 -1.69 -12.19
C LYS B 53 32.68 -3.17 -12.67
N PHE B 54 31.70 -3.68 -13.42
CA PHE B 54 31.75 -5.10 -13.80
C PHE B 54 32.41 -5.47 -15.14
N SER B 55 32.39 -4.54 -16.08
CA SER B 55 33.04 -4.73 -17.37
C SER B 55 33.56 -3.41 -17.92
N ARG B 56 34.88 -3.33 -18.02
CA ARG B 56 35.56 -2.27 -18.75
C ARG B 56 35.22 -2.38 -20.24
N ARG B 57 35.35 -3.59 -20.78
CA ARG B 57 34.93 -3.87 -22.15
C ARG B 57 33.50 -3.36 -22.44
N ALA B 58 32.48 -3.89 -21.76
CA ALA B 58 31.10 -3.48 -22.02
C ALA B 58 30.86 -2.00 -21.82
N PHE B 59 31.45 -1.40 -20.77
CA PHE B 59 31.27 0.03 -20.48
C PHE B 59 31.86 0.86 -21.64
N GLY B 60 33.03 0.47 -22.15
CA GLY B 60 33.63 1.14 -23.31
C GLY B 60 32.70 1.21 -24.52
N LYS B 61 32.12 0.07 -24.88
CA LYS B 61 31.11 -0.07 -25.95
C LYS B 61 29.84 0.73 -25.69
N VAL B 62 29.31 0.65 -24.48
CA VAL B 62 28.18 1.50 -24.12
C VAL B 62 28.55 3.00 -24.18
N ASP B 63 29.68 3.39 -23.59
CA ASP B 63 29.99 4.79 -23.37
C ASP B 63 30.22 5.49 -24.72
N LYS B 64 30.95 4.82 -25.61
CA LYS B 64 31.21 5.33 -26.93
C LYS B 64 29.92 5.48 -27.71
N ALA B 65 29.13 4.41 -27.81
CA ALA B 65 27.85 4.46 -28.49
C ALA B 65 26.99 5.59 -27.91
N MET B 66 27.03 5.74 -26.60
CA MET B 66 26.29 6.81 -25.96
C MET B 66 26.72 8.19 -26.42
N ARG B 67 28.02 8.43 -26.48
CA ARG B 67 28.55 9.79 -26.60
C ARG B 67 28.44 10.27 -28.04
N SER B 68 28.09 9.32 -28.92
CA SER B 68 27.82 9.64 -30.30
C SER B 68 26.37 9.27 -30.68
N SER B 69 25.45 9.60 -29.79
CA SER B 69 24.07 9.56 -30.14
C SER B 69 23.76 10.81 -30.98
N PHE B 70 22.78 10.68 -31.87
CA PHE B 70 22.37 11.80 -32.68
C PHE B 70 20.86 11.89 -32.46
N PRO B 71 20.27 13.04 -32.74
CA PRO B 71 18.88 13.28 -32.38
C PRO B 71 17.91 12.31 -33.01
N VAL B 72 18.16 11.84 -34.25
CA VAL B 72 17.23 10.95 -34.92
C VAL B 72 17.12 9.65 -34.08
N MET B 73 18.27 9.13 -33.71
CA MET B 73 18.39 8.00 -32.76
C MET B 73 17.75 8.28 -31.44
N ASN B 74 17.98 9.45 -30.84
CA ASN B 74 17.36 9.74 -29.54
C ASN B 74 15.83 9.85 -29.65
N TYR B 75 15.32 10.39 -30.77
CA TYR B 75 13.90 10.42 -30.95
C TYR B 75 13.44 9.02 -31.15
N GLY B 76 14.18 8.23 -31.91
CA GLY B 76 13.85 6.80 -32.02
C GLY B 76 13.67 6.04 -30.69
N THR B 77 14.50 6.35 -29.70
CA THR B 77 14.55 5.59 -28.49
C THR B 77 13.42 5.97 -27.60
N TYR B 78 13.21 7.30 -27.54
CA TYR B 78 12.04 7.95 -26.94
C TYR B 78 10.72 7.37 -27.41
N LEU B 79 10.50 7.33 -28.72
CA LEU B 79 9.29 6.70 -29.30
C LEU B 79 9.03 5.24 -28.91
N ARG B 80 10.05 4.44 -29.08
CA ARG B 80 10.07 3.05 -28.71
C ARG B 80 9.71 2.88 -27.21
N THR B 81 10.31 3.66 -26.33
CA THR B 81 10.07 3.48 -24.87
C THR B 81 8.71 3.95 -24.51
N VAL B 82 8.31 5.14 -24.99
CA VAL B 82 7.00 5.63 -24.57
C VAL B 82 5.82 4.89 -25.28
N GLY B 83 6.04 4.36 -26.48
CA GLY B 83 5.02 3.59 -27.22
C GLY B 83 4.71 2.33 -26.49
N ILE B 84 5.77 1.65 -26.10
CA ILE B 84 5.68 0.40 -25.38
C ILE B 84 5.13 0.72 -24.00
N ASP B 85 5.69 1.76 -23.34
CA ASP B 85 5.15 2.18 -22.03
C ASP B 85 3.67 2.48 -22.04
N ALA B 86 3.17 3.34 -22.93
CA ALA B 86 1.72 3.60 -23.04
C ALA B 86 0.91 2.34 -23.15
N ALA B 87 1.40 1.37 -23.91
CA ALA B 87 0.65 0.14 -24.05
C ALA B 87 0.62 -0.62 -22.76
N ILE B 88 1.75 -0.66 -22.05
CA ILE B 88 1.85 -1.44 -20.83
C ILE B 88 0.91 -0.78 -19.81
N LEU B 89 0.94 0.55 -19.74
CA LEU B 89 0.28 1.32 -18.65
C LEU B 89 -1.20 1.27 -18.71
N GLU B 90 -1.73 1.39 -19.90
CA GLU B 90 -3.15 1.29 -20.15
C GLU B 90 -3.68 -0.06 -19.65
N PHE B 91 -2.94 -1.12 -19.93
CA PHE B 91 -3.27 -2.48 -19.50
C PHE B 91 -3.12 -2.61 -18.01
N LEU B 92 -2.05 -2.05 -17.44
CA LEU B 92 -1.85 -2.26 -16.01
C LEU B 92 -2.82 -1.50 -15.17
N VAL B 93 -3.22 -0.33 -15.66
CA VAL B 93 -4.26 0.49 -15.03
C VAL B 93 -5.66 -0.20 -15.03
N ALA B 94 -5.99 -0.82 -16.16
CA ALA B 94 -7.21 -1.60 -16.38
C ALA B 94 -7.24 -2.94 -15.57
N ASN B 95 -6.06 -3.51 -15.30
CA ASN B 95 -5.93 -4.85 -14.68
C ASN B 95 -4.98 -4.81 -13.53
N GLU B 96 -5.45 -4.85 -12.29
CA GLU B 96 -4.48 -4.52 -11.23
C GLU B 96 -3.53 -5.68 -10.83
N LYS B 97 -4.04 -6.92 -10.86
CA LYS B 97 -3.17 -8.12 -10.74
C LYS B 97 -2.75 -8.58 -12.14
N VAL B 98 -1.48 -8.40 -12.47
CA VAL B 98 -0.96 -8.63 -13.80
C VAL B 98 0.44 -9.23 -13.62
N GLN B 99 0.82 -10.04 -14.59
CA GLN B 99 2.19 -10.52 -14.61
C GLN B 99 2.79 -10.05 -15.95
N VAL B 100 3.95 -9.41 -15.85
CA VAL B 100 4.72 -9.06 -17.05
C VAL B 100 5.83 -10.05 -17.22
N VAL B 101 6.00 -10.53 -18.46
CA VAL B 101 7.14 -11.33 -18.86
C VAL B 101 7.92 -10.58 -19.94
N ASN B 102 9.16 -10.26 -19.68
CA ASN B 102 9.90 -9.41 -20.57
C ASN B 102 10.93 -10.31 -21.16
N LEU B 103 10.77 -10.58 -22.46
CA LEU B 103 11.54 -11.57 -23.19
C LEU B 103 12.77 -10.93 -23.84
N GLY B 104 13.97 -11.46 -23.52
CA GLY B 104 15.22 -10.86 -23.91
C GLY B 104 15.25 -9.44 -23.40
N CYS B 105 15.04 -9.34 -22.09
CA CYS B 105 14.95 -8.08 -21.38
C CYS B 105 16.22 -7.23 -21.45
N GLY B 106 17.37 -7.86 -21.59
CA GLY B 106 18.61 -7.16 -21.56
C GLY B 106 18.71 -6.28 -20.31
N SER B 107 19.07 -5.02 -20.53
CA SER B 107 19.37 -4.10 -19.46
C SER B 107 18.18 -3.22 -19.15
N ASP B 108 17.02 -3.55 -19.71
CA ASP B 108 15.76 -2.82 -19.45
C ASP B 108 15.48 -2.63 -17.96
N LEU B 109 15.15 -1.38 -17.57
CA LEU B 109 14.85 -1.02 -16.18
C LEU B 109 13.42 -0.55 -15.98
N ARG B 110 12.53 -0.78 -16.95
CA ARG B 110 11.16 -0.32 -16.75
C ARG B 110 10.47 -1.03 -15.62
N MET B 111 10.93 -2.21 -15.22
CA MET B 111 10.37 -2.82 -14.02
C MET B 111 10.51 -1.99 -12.80
N LEU B 112 11.57 -1.20 -12.67
CA LEU B 112 11.72 -0.43 -11.40
C LEU B 112 10.61 0.54 -11.10
N PRO B 113 10.25 1.43 -12.02
CA PRO B 113 9.12 2.31 -11.75
C PRO B 113 7.80 1.53 -11.74
N LEU B 114 7.62 0.57 -12.63
CA LEU B 114 6.33 -0.14 -12.75
C LEU B 114 6.03 -0.97 -11.53
N LEU B 115 7.04 -1.64 -10.97
CA LEU B 115 6.81 -2.41 -9.71
C LEU B 115 6.47 -1.51 -8.54
N GLN B 116 7.06 -0.32 -8.51
CA GLN B 116 6.69 0.69 -7.53
C GLN B 116 5.23 1.23 -7.76
N MET B 117 4.86 1.45 -9.01
CA MET B 117 3.55 2.07 -9.40
C MET B 117 2.33 1.17 -9.30
N PHE B 118 2.56 -0.15 -9.48
CA PHE B 118 1.56 -1.19 -9.50
C PHE B 118 1.88 -2.28 -8.43
N PRO B 119 1.36 -2.11 -7.20
CA PRO B 119 1.57 -3.05 -6.10
C PRO B 119 1.26 -4.53 -6.35
N HIS B 120 0.39 -4.80 -7.32
CA HIS B 120 -0.02 -6.18 -7.61
C HIS B 120 0.55 -6.65 -8.93
N LEU B 121 1.43 -5.85 -9.53
CA LEU B 121 2.18 -6.32 -10.69
C LEU B 121 3.25 -7.32 -10.18
N ALA B 122 3.39 -8.42 -10.92
CA ALA B 122 4.55 -9.28 -10.83
C ALA B 122 5.26 -9.26 -12.20
N TYR B 123 6.58 -9.30 -12.18
CA TYR B 123 7.34 -9.05 -13.39
C TYR B 123 8.46 -10.09 -13.47
N VAL B 124 8.64 -10.63 -14.67
CA VAL B 124 9.72 -11.56 -14.94
C VAL B 124 10.56 -11.09 -16.12
N ASP B 125 11.84 -10.94 -15.89
CA ASP B 125 12.90 -10.58 -16.85
C ASP B 125 13.54 -11.89 -17.27
N ILE B 126 13.57 -12.15 -18.59
CA ILE B 126 14.21 -13.30 -19.12
C ILE B 126 15.25 -12.91 -20.17
N ASP B 127 16.45 -13.44 -19.97
CA ASP B 127 17.51 -13.31 -20.97
C ASP B 127 18.45 -14.51 -20.88
N TYR B 128 19.44 -14.54 -21.75
CA TYR B 128 20.41 -15.59 -21.74
C TYR B 128 21.12 -15.48 -20.44
N ASN B 129 21.62 -16.61 -19.98
CA ASN B 129 22.28 -16.69 -18.73
C ASN B 129 23.39 -15.64 -18.51
N GLU B 130 24.21 -15.41 -19.53
CA GLU B 130 25.36 -14.55 -19.35
C GLU B 130 24.85 -13.14 -19.19
N SER B 131 23.73 -12.83 -19.86
CA SER B 131 23.17 -11.51 -19.79
C SER B 131 22.47 -11.24 -18.45
N VAL B 132 21.71 -12.20 -17.94
CA VAL B 132 20.98 -11.95 -16.67
C VAL B 132 21.99 -11.98 -15.51
N GLU B 133 23.11 -12.68 -15.66
CA GLU B 133 24.12 -12.72 -14.63
C GLU B 133 24.71 -11.32 -14.47
N LEU B 134 24.99 -10.68 -15.61
CA LEU B 134 25.49 -9.34 -15.58
C LEU B 134 24.44 -8.42 -14.99
N LYS B 135 23.20 -8.52 -15.43
CA LYS B 135 22.19 -7.63 -14.88
C LYS B 135 22.04 -7.85 -13.36
N ASN B 136 21.95 -9.12 -12.93
CA ASN B 136 21.93 -9.52 -11.52
C ASN B 136 23.06 -8.90 -10.71
N SER B 137 24.29 -9.04 -11.18
CA SER B 137 25.43 -8.32 -10.57
C SER B 137 25.24 -6.80 -10.34
N ILE B 138 24.69 -6.11 -11.33
CA ILE B 138 24.59 -4.66 -11.30
C ILE B 138 23.47 -4.24 -10.30
N LEU B 139 22.33 -4.91 -10.40
CA LEU B 139 21.19 -4.68 -9.54
C LEU B 139 21.50 -4.88 -8.10
N ARG B 140 22.36 -5.85 -7.82
CA ARG B 140 22.72 -6.12 -6.43
C ARG B 140 23.90 -5.32 -5.94
N GLU B 141 24.80 -4.93 -6.82
CA GLU B 141 25.94 -4.12 -6.36
C GLU B 141 25.58 -2.66 -6.12
N SER B 142 24.61 -2.16 -6.87
CA SER B 142 24.24 -0.78 -6.71
C SER B 142 23.22 -0.67 -5.61
N GLU B 143 23.51 0.23 -4.66
CA GLU B 143 22.63 0.52 -3.56
C GLU B 143 21.26 0.96 -3.96
N ILE B 144 21.20 2.00 -4.78
CA ILE B 144 19.94 2.57 -5.26
C ILE B 144 19.13 1.54 -6.05
N LEU B 145 19.74 0.75 -6.94
CA LEU B 145 19.08 -0.37 -7.62
C LEU B 145 18.61 -1.44 -6.62
N ARG B 146 19.47 -1.87 -5.70
CA ARG B 146 19.09 -2.82 -4.65
C ARG B 146 17.83 -2.43 -3.89
N ILE B 147 17.81 -1.18 -3.42
CA ILE B 147 16.69 -0.61 -2.66
C ILE B 147 15.47 -0.48 -3.58
N SER B 148 15.62 -0.16 -4.87
CA SER B 148 14.41 -0.11 -5.71
C SER B 148 13.74 -1.50 -5.88
N LEU B 149 14.48 -2.57 -5.55
CA LEU B 149 13.99 -3.93 -5.67
C LEU B 149 13.72 -4.66 -4.34
N GLY B 150 13.97 -4.00 -3.21
CA GLY B 150 13.91 -4.61 -1.87
C GLY B 150 14.98 -5.69 -1.71
N LEU B 151 16.07 -5.55 -2.47
CA LEU B 151 17.08 -6.58 -2.55
C LEU B 151 18.17 -6.41 -1.53
N SER B 152 18.81 -7.53 -1.19
CA SER B 152 20.07 -7.55 -0.45
C SER B 152 21.20 -7.79 -1.45
N LYS B 153 22.45 -7.48 -1.05
CA LYS B 153 23.61 -7.53 -1.97
C LYS B 153 24.05 -8.96 -2.32
N GLU B 154 23.75 -9.95 -1.46
CA GLU B 154 24.22 -11.33 -1.68
C GLU B 154 23.17 -12.22 -2.33
N ASP B 155 23.54 -12.87 -3.45
CA ASP B 155 22.63 -13.70 -4.27
C ASP B 155 21.94 -14.78 -3.44
N THR B 156 20.78 -14.42 -2.90
CA THR B 156 19.98 -15.29 -2.04
C THR B 156 19.13 -16.28 -2.86
N ALA B 157 18.92 -15.97 -4.14
CA ALA B 157 18.04 -16.76 -5.00
C ALA B 157 18.61 -18.16 -5.25
N LYS B 158 17.79 -19.02 -5.82
CA LYS B 158 18.30 -20.29 -6.29
C LYS B 158 17.81 -20.56 -7.70
N SER B 159 18.52 -21.45 -8.39
CA SER B 159 18.18 -21.75 -9.77
C SER B 159 16.69 -22.09 -9.69
N PRO B 160 15.86 -21.67 -10.64
CA PRO B 160 16.26 -21.06 -11.92
C PRO B 160 16.33 -19.52 -11.91
N PHE B 161 16.31 -18.91 -10.72
CA PHE B 161 16.25 -17.44 -10.61
C PHE B 161 17.57 -16.87 -10.08
N LEU B 162 18.03 -15.78 -10.68
CA LEU B 162 19.14 -15.04 -10.10
C LEU B 162 18.53 -14.05 -9.13
N ILE B 163 17.36 -13.49 -9.47
CA ILE B 163 16.59 -12.74 -8.51
C ILE B 163 15.18 -13.32 -8.43
N ASP B 164 14.67 -13.45 -7.21
CA ASP B 164 13.32 -13.94 -6.98
C ASP B 164 12.92 -13.26 -5.72
N GLN B 165 12.68 -11.97 -5.85
CA GLN B 165 12.58 -11.16 -4.67
C GLN B 165 11.28 -10.44 -4.78
N GLY B 166 10.23 -11.01 -4.17
CA GLY B 166 8.93 -10.43 -4.17
C GLY B 166 8.22 -10.66 -5.50
N ARG B 167 7.93 -9.55 -6.18
CA ARG B 167 7.16 -9.52 -7.38
C ARG B 167 8.08 -9.35 -8.58
N TYR B 168 9.36 -9.41 -8.34
CA TYR B 168 10.31 -9.36 -9.46
C TYR B 168 11.13 -10.65 -9.46
N LYS B 169 11.19 -11.24 -10.66
CA LYS B 169 12.04 -12.38 -10.93
C LYS B 169 12.98 -12.11 -12.13
N LEU B 170 14.25 -12.46 -11.93
CA LEU B 170 15.24 -12.42 -13.00
C LEU B 170 15.67 -13.84 -13.25
N ALA B 171 15.54 -14.28 -14.50
CA ALA B 171 15.76 -15.67 -14.85
C ALA B 171 16.47 -15.81 -16.19
N ALA B 172 17.47 -16.71 -16.24
CA ALA B 172 18.11 -17.18 -17.46
C ALA B 172 17.29 -18.15 -18.26
N CYS B 173 17.44 -18.06 -19.56
CA CYS B 173 16.74 -18.97 -20.40
C CYS B 173 17.12 -18.64 -21.77
N ASP B 174 17.43 -19.65 -22.55
CA ASP B 174 17.50 -19.49 -24.01
C ASP B 174 16.07 -19.64 -24.69
N LEU B 175 15.46 -18.53 -25.13
CA LEU B 175 14.08 -18.57 -25.70
C LEU B 175 14.00 -19.27 -27.05
N ASN B 176 15.15 -19.75 -27.56
CA ASN B 176 15.14 -20.68 -28.71
C ASN B 176 14.84 -22.12 -28.33
N ASP B 177 14.87 -22.43 -27.04
CA ASP B 177 14.54 -23.74 -26.51
C ASP B 177 13.15 -23.63 -25.85
N ILE B 178 12.15 -24.04 -26.58
CA ILE B 178 10.79 -24.00 -26.07
C ILE B 178 10.55 -24.84 -24.81
N THR B 179 11.22 -26.00 -24.66
CA THR B 179 11.08 -26.76 -23.41
C THR B 179 11.61 -25.99 -22.21
N GLU B 180 12.82 -25.45 -22.38
CA GLU B 180 13.43 -24.62 -21.38
C GLU B 180 12.50 -23.48 -20.99
N THR B 181 12.05 -22.78 -22.01
CA THR B 181 11.13 -21.64 -21.85
C THR B 181 9.87 -21.97 -21.06
N THR B 182 9.17 -23.05 -21.44
CA THR B 182 7.89 -23.38 -20.80
C THR B 182 8.05 -23.95 -19.38
N ARG B 183 9.05 -24.78 -19.14
CA ARG B 183 9.47 -25.09 -17.76
C ARG B 183 9.67 -23.84 -16.86
N LEU B 184 10.33 -22.82 -17.39
CA LEU B 184 10.62 -21.63 -16.59
C LEU B 184 9.30 -20.88 -16.33
N LEU B 185 8.53 -20.67 -17.39
CA LEU B 185 7.21 -20.04 -17.20
C LEU B 185 6.35 -20.77 -16.18
N ASP B 186 6.42 -22.12 -16.15
CA ASP B 186 5.58 -22.85 -15.22
C ASP B 186 5.90 -22.54 -13.75
N VAL B 187 7.14 -22.12 -13.51
CA VAL B 187 7.55 -21.77 -12.16
C VAL B 187 7.51 -20.29 -11.77
N CYS B 188 7.13 -19.38 -12.66
CA CYS B 188 7.08 -17.97 -12.25
C CYS B 188 5.82 -17.19 -12.69
N THR B 189 4.85 -17.89 -13.27
CA THR B 189 3.63 -17.26 -13.77
C THR B 189 2.53 -18.23 -13.52
N LYS B 190 1.28 -17.71 -13.48
CA LYS B 190 0.06 -18.49 -13.45
C LYS B 190 -0.76 -18.27 -14.74
N ARG B 191 -1.39 -19.34 -15.26
CA ARG B 191 -2.21 -19.28 -16.49
C ARG B 191 -3.34 -18.24 -16.44
N GLU B 192 -3.91 -18.06 -15.23
CA GLU B 192 -5.14 -17.30 -15.06
C GLU B 192 -4.93 -15.82 -14.79
C GLU B 192 -4.92 -15.88 -14.54
N ILE B 193 -3.68 -15.41 -14.61
CA ILE B 193 -3.38 -13.95 -14.32
C ILE B 193 -3.21 -13.28 -15.66
N PRO B 194 -3.90 -12.15 -15.87
CA PRO B 194 -3.70 -11.37 -17.10
C PRO B 194 -2.20 -11.10 -17.29
N THR B 195 -1.71 -11.33 -18.50
CA THR B 195 -0.29 -11.31 -18.73
C THR B 195 0.14 -10.38 -19.85
N ILE B 196 1.16 -9.59 -19.59
CA ILE B 196 1.75 -8.78 -20.63
C ILE B 196 2.99 -9.43 -21.00
N VAL B 197 3.15 -9.66 -22.27
CA VAL B 197 4.43 -10.18 -22.77
C VAL B 197 5.09 -9.08 -23.56
N ILE B 198 6.37 -8.83 -23.30
CA ILE B 198 7.12 -7.81 -24.05
C ILE B 198 8.21 -8.51 -24.79
N SER B 199 8.30 -8.20 -26.09
CA SER B 199 9.47 -8.57 -26.91
C SER B 199 9.93 -7.32 -27.63
N GLU B 200 10.87 -6.58 -27.00
CA GLU B 200 11.39 -5.33 -27.57
C GLU B 200 12.75 -5.66 -28.16
N SMC B 201 12.82 -5.69 -29.49
CA SMC B 201 14.03 -6.00 -30.23
CB SMC B 201 15.12 -4.92 -30.03
SG SMC B 201 14.65 -3.40 -30.86
CS SMC B 201 15.23 -3.50 -32.51
C SMC B 201 14.56 -7.36 -29.85
O SMC B 201 15.74 -7.54 -29.59
N LEU B 202 13.68 -8.36 -29.81
CA LEU B 202 14.07 -9.74 -29.37
C LEU B 202 13.83 -10.72 -30.48
N LEU B 203 12.59 -10.75 -30.96
CA LEU B 203 12.26 -11.66 -32.09
C LEU B 203 13.10 -11.46 -33.36
N CYS B 204 13.46 -10.21 -33.64
CA CYS B 204 14.35 -9.90 -34.80
C CYS B 204 15.65 -10.73 -34.89
N TYR B 205 16.11 -11.29 -33.77
CA TYR B 205 17.34 -12.07 -33.82
C TYR B 205 17.07 -13.58 -33.91
N MET B 206 15.79 -13.94 -33.91
CA MET B 206 15.38 -15.35 -33.98
C MET B 206 14.93 -15.82 -35.35
N HIS B 207 15.05 -17.12 -35.58
CA HIS B 207 14.68 -17.69 -36.87
C HIS B 207 13.20 -17.79 -36.82
N ASN B 208 12.52 -17.82 -37.96
CA ASN B 208 11.06 -17.86 -37.93
C ASN B 208 10.41 -19.01 -37.11
N ASN B 209 10.96 -20.19 -37.20
CA ASN B 209 10.43 -21.32 -36.46
C ASN B 209 10.49 -21.03 -34.96
N GLU B 210 11.63 -20.52 -34.49
CA GLU B 210 11.81 -20.26 -33.06
C GLU B 210 10.92 -19.14 -32.55
N SER B 211 10.82 -18.08 -33.34
CA SER B 211 9.99 -16.99 -32.97
C SER B 211 8.52 -17.40 -33.06
N GLN B 212 8.14 -18.14 -34.10
CA GLN B 212 6.71 -18.55 -34.21
C GLN B 212 6.26 -19.50 -33.10
N LEU B 213 7.09 -20.47 -32.79
CA LEU B 213 6.82 -21.41 -31.70
C LEU B 213 6.72 -20.67 -30.39
N LEU B 214 7.60 -19.70 -30.20
CA LEU B 214 7.58 -18.90 -28.95
C LEU B 214 6.28 -18.09 -28.83
N ILE B 215 5.88 -17.43 -29.90
CA ILE B 215 4.63 -16.68 -29.92
C ILE B 215 3.41 -17.58 -29.57
N ASN B 216 3.23 -18.69 -30.30
CA ASN B 216 2.03 -19.52 -30.14
C ASN B 216 2.03 -20.14 -28.78
N THR B 217 3.18 -20.68 -28.40
CA THR B 217 3.33 -21.32 -27.11
C THR B 217 3.01 -20.41 -25.91
N ILE B 218 3.51 -19.18 -25.89
CA ILE B 218 3.26 -18.32 -24.73
C ILE B 218 1.84 -17.77 -24.65
N MET B 219 1.33 -17.31 -25.80
CA MET B 219 -0.10 -17.00 -25.92
C MET B 219 -0.95 -18.15 -25.47
N SER B 220 -0.69 -19.38 -25.90
CA SER B 220 -1.45 -20.52 -25.39
C SER B 220 -1.40 -20.84 -23.87
N LYS B 221 -0.43 -20.27 -23.15
CA LYS B 221 -0.20 -20.60 -21.74
C LYS B 221 -0.97 -19.74 -20.76
N PHE B 222 -1.52 -18.66 -21.27
CA PHE B 222 -2.22 -17.68 -20.44
C PHE B 222 -3.54 -17.45 -21.07
N SER B 223 -4.57 -17.42 -20.23
CA SER B 223 -5.95 -17.22 -20.65
C SER B 223 -6.20 -15.90 -21.35
N HIS B 224 -5.61 -14.84 -20.83
CA HIS B 224 -5.80 -13.50 -21.37
C HIS B 224 -4.49 -12.74 -21.17
N GLY B 225 -4.18 -11.80 -22.06
CA GLY B 225 -2.97 -11.04 -21.94
C GLY B 225 -2.80 -10.07 -23.07
N LEU B 226 -1.61 -9.52 -23.15
CA LEU B 226 -1.28 -8.54 -24.11
C LEU B 226 0.16 -8.77 -24.53
N TRP B 227 0.42 -9.05 -25.83
CA TRP B 227 1.77 -9.12 -26.32
C TRP B 227 2.11 -7.80 -26.91
N ILE B 228 3.14 -7.17 -26.39
CA ILE B 228 3.65 -5.92 -26.93
C ILE B 228 4.98 -6.27 -27.58
N SER B 229 5.06 -6.14 -28.88
CA SER B 229 6.29 -6.42 -29.58
C SER B 229 6.74 -5.22 -30.38
N TYR B 230 8.07 -5.04 -30.37
CA TYR B 230 8.73 -3.94 -31.06
C TYR B 230 9.91 -4.52 -31.82
N ASP B 231 10.03 -4.15 -33.08
CA ASP B 231 11.11 -4.66 -33.90
C ASP B 231 11.30 -3.76 -35.08
N PRO B 232 12.42 -3.95 -35.79
CA PRO B 232 12.54 -3.35 -37.09
C PRO B 232 11.78 -4.18 -38.10
N ILE B 233 11.46 -3.57 -39.23
CA ILE B 233 10.97 -4.34 -40.40
C ILE B 233 11.79 -3.96 -41.61
N GLY B 234 11.88 -4.88 -42.58
CA GLY B 234 12.71 -4.69 -43.78
C GLY B 234 12.29 -3.56 -44.73
N GLY B 235 11.01 -3.23 -44.74
CA GLY B 235 10.47 -2.24 -45.66
C GLY B 235 9.86 -2.96 -46.83
N SER B 236 8.67 -2.51 -47.25
CA SER B 236 7.95 -3.12 -48.36
C SER B 236 8.01 -2.28 -49.66
N GLN B 237 8.23 -0.96 -49.56
CA GLN B 237 8.22 -0.12 -50.76
C GLN B 237 9.30 -0.65 -51.72
N PRO B 238 9.13 -0.50 -53.04
CA PRO B 238 10.17 -0.95 -54.00
C PRO B 238 11.36 -0.01 -53.83
N ASN B 239 12.57 -0.46 -54.16
CA ASN B 239 13.77 0.37 -53.97
C ASN B 239 13.98 0.79 -52.50
N ASP B 240 13.37 0.06 -51.59
CA ASP B 240 13.54 0.34 -50.18
C ASP B 240 14.59 -0.63 -49.75
N ARG B 241 15.83 -0.17 -49.60
CA ARG B 241 16.93 -1.08 -49.28
C ARG B 241 17.34 -1.04 -47.79
N PHE B 242 16.54 -0.39 -46.93
CA PHE B 242 16.72 -0.41 -45.47
C PHE B 242 16.99 -1.81 -44.88
N GLY B 243 16.19 -2.81 -45.27
CA GLY B 243 16.37 -4.18 -44.81
C GLY B 243 17.63 -4.81 -45.37
N ALA B 244 17.85 -4.65 -46.67
CA ALA B 244 19.03 -5.15 -47.32
C ALA B 244 20.31 -4.59 -46.66
N ILE B 245 20.33 -3.27 -46.40
CA ILE B 245 21.52 -2.60 -45.89
C ILE B 245 21.70 -2.98 -44.43
N MET B 246 20.62 -2.98 -43.65
CA MET B 246 20.75 -3.40 -42.26
C MET B 246 21.26 -4.85 -42.12
N GLN B 247 20.65 -5.81 -42.82
CA GLN B 247 21.16 -7.20 -42.76
C GLN B 247 22.64 -7.29 -43.15
N SER B 248 22.97 -6.76 -44.33
CA SER B 248 24.34 -6.73 -44.80
C SER B 248 25.31 -6.03 -43.83
N ASN B 249 24.93 -4.84 -43.37
CA ASN B 249 25.74 -4.05 -42.43
C ASN B 249 26.06 -4.75 -41.10
N LEU B 250 25.08 -5.46 -40.54
CA LEU B 250 25.20 -6.22 -39.30
C LEU B 250 25.99 -7.50 -39.47
N LYS B 251 25.86 -8.15 -40.63
CA LYS B 251 26.65 -9.33 -40.92
C LYS B 251 28.11 -8.97 -41.04
N GLU B 252 28.39 -7.78 -41.59
CA GLU B 252 29.79 -7.38 -41.92
C GLU B 252 30.54 -6.80 -40.74
N SER B 253 29.89 -5.93 -39.98
CA SER B 253 30.41 -5.45 -38.70
C SER B 253 30.43 -6.58 -37.65
N ARG B 254 29.24 -6.94 -37.17
CA ARG B 254 29.05 -7.82 -36.01
C ARG B 254 29.05 -9.35 -36.23
N ASN B 255 28.97 -9.82 -37.47
CA ASN B 255 28.58 -11.22 -37.77
C ASN B 255 27.22 -11.58 -37.18
N LEU B 256 26.32 -10.59 -37.16
CA LEU B 256 24.99 -10.71 -36.58
C LEU B 256 23.95 -10.87 -37.67
N GLU B 257 22.99 -11.75 -37.44
CA GLU B 257 21.86 -11.94 -38.34
C GLU B 257 20.55 -11.43 -37.72
N MET B 258 19.68 -10.89 -38.56
CA MET B 258 18.29 -10.71 -38.22
C MET B 258 17.53 -11.52 -39.28
N PRO B 259 17.20 -12.78 -38.93
CA PRO B 259 16.75 -13.80 -39.91
C PRO B 259 15.46 -13.47 -40.67
N THR B 260 14.51 -12.77 -40.05
CA THR B 260 13.17 -12.58 -40.64
C THR B 260 12.85 -11.13 -41.05
N LEU B 261 13.89 -10.29 -41.07
CA LEU B 261 13.71 -8.85 -41.33
C LEU B 261 13.07 -8.63 -42.70
N MET B 262 13.46 -9.44 -43.70
CA MET B 262 12.86 -9.35 -45.06
C MET B 262 11.58 -10.13 -45.30
N THR B 263 11.42 -11.21 -44.54
CA THR B 263 10.15 -11.91 -44.41
C THR B 263 9.04 -11.00 -43.89
N TYR B 264 9.21 -10.42 -42.70
CA TYR B 264 8.21 -9.51 -42.15
C TYR B 264 8.62 -8.08 -42.41
N ASN B 265 8.51 -7.69 -43.66
CA ASN B 265 9.00 -6.40 -44.09
C ASN B 265 7.94 -5.30 -44.04
N SER B 266 6.71 -5.61 -43.63
CA SER B 266 5.75 -4.56 -43.35
C SER B 266 5.06 -4.84 -42.00
N LYS B 267 4.32 -3.86 -41.49
CA LYS B 267 3.63 -3.97 -40.24
C LYS B 267 2.57 -5.07 -40.31
N GLU B 268 1.90 -5.19 -41.46
CA GLU B 268 0.84 -6.16 -41.67
C GLU B 268 1.38 -7.57 -41.56
N LYS B 269 2.42 -7.89 -42.36
CA LYS B 269 3.08 -9.22 -42.34
C LYS B 269 3.68 -9.53 -40.96
N TYR B 270 4.24 -8.51 -40.34
CA TYR B 270 4.79 -8.65 -39.01
C TYR B 270 3.67 -9.07 -38.06
N ALA B 271 2.54 -8.32 -38.08
CA ALA B 271 1.36 -8.59 -37.21
C ALA B 271 0.73 -10.00 -37.40
N SER B 272 0.83 -10.52 -38.62
CA SER B 272 0.21 -11.80 -38.97
C SER B 272 0.79 -12.92 -38.11
N ARG B 273 1.91 -12.67 -37.44
CA ARG B 273 2.53 -13.71 -36.60
C ARG B 273 1.69 -13.99 -35.36
N TRP B 274 1.00 -12.95 -34.91
CA TRP B 274 0.06 -13.05 -33.82
C TRP B 274 -1.38 -13.27 -34.31
N SER B 275 -1.56 -13.78 -35.52
CA SER B 275 -2.94 -13.87 -36.05
C SER B 275 -3.94 -14.78 -35.26
N ALA B 276 -3.41 -15.56 -34.33
CA ALA B 276 -4.23 -16.40 -33.50
C ALA B 276 -4.83 -15.62 -32.30
N ALA B 277 -4.33 -14.42 -31.98
CA ALA B 277 -5.01 -13.47 -31.07
C ALA B 277 -6.15 -12.78 -31.81
N PRO B 278 -7.30 -12.62 -31.15
CA PRO B 278 -8.45 -11.98 -31.75
C PRO B 278 -8.29 -10.46 -32.01
N ASN B 279 -7.51 -9.78 -31.18
CA ASN B 279 -7.32 -8.35 -31.22
C ASN B 279 -5.84 -7.99 -31.47
N VAL B 280 -5.48 -7.68 -32.71
CA VAL B 280 -4.07 -7.38 -33.05
C VAL B 280 -4.06 -5.99 -33.71
N ILE B 281 -3.32 -5.04 -33.12
CA ILE B 281 -3.07 -3.68 -33.64
C ILE B 281 -1.60 -3.53 -33.97
N VAL B 282 -1.28 -2.86 -35.05
CA VAL B 282 0.13 -2.71 -35.44
C VAL B 282 0.29 -1.29 -36.02
N ASN B 283 1.35 -0.61 -35.62
CA ASN B 283 1.70 0.66 -36.21
C ASN B 283 3.18 0.68 -36.45
N ASP B 284 3.65 1.39 -37.47
CA ASP B 284 5.01 1.92 -37.39
C ASP B 284 5.08 3.09 -36.41
N MET B 285 6.31 3.41 -36.02
CA MET B 285 6.64 4.35 -35.02
C MET B 285 6.38 5.79 -35.43
N TRP B 286 6.40 6.03 -36.75
CA TRP B 286 6.03 7.33 -37.30
C TRP B 286 4.54 7.56 -37.03
N GLU B 287 3.71 6.56 -37.29
CA GLU B 287 2.33 6.65 -36.90
C GLU B 287 2.23 6.91 -35.39
N ILE B 288 2.96 6.13 -34.59
CA ILE B 288 3.01 6.42 -33.15
C ILE B 288 3.45 7.83 -32.75
N PHE B 289 4.50 8.37 -33.36
CA PHE B 289 4.91 9.76 -33.19
C PHE B 289 3.68 10.69 -33.48
N ASN B 290 2.99 10.47 -34.59
CA ASN B 290 1.85 11.35 -34.93
C ASN B 290 0.58 11.15 -34.11
N ALA B 291 0.31 9.91 -33.72
CA ALA B 291 -0.88 9.61 -32.96
C ALA B 291 -0.70 9.85 -31.49
N GLN B 292 0.50 9.67 -30.97
CA GLN B 292 0.68 9.57 -29.51
C GLN B 292 1.52 10.65 -28.88
N ILE B 293 2.38 11.27 -29.64
CA ILE B 293 3.16 12.36 -29.05
C ILE B 293 2.40 13.70 -29.15
N PRO B 294 1.92 14.24 -28.03
CA PRO B 294 1.22 15.52 -28.06
C PRO B 294 2.16 16.66 -28.30
N GLU B 295 1.62 17.80 -28.66
CA GLU B 295 2.42 18.92 -28.94
C GLU B 295 3.26 19.32 -27.75
N SER B 296 2.75 19.14 -26.53
CA SER B 296 3.56 19.51 -25.36
C SER B 296 4.87 18.71 -25.31
N GLU B 297 4.82 17.45 -25.76
CA GLU B 297 6.01 16.64 -25.84
C GLU B 297 6.90 16.97 -27.04
N ARG B 298 6.34 17.29 -28.21
CA ARG B 298 7.16 17.72 -29.35
C ARG B 298 7.94 18.98 -29.01
N LYS B 299 7.25 19.91 -28.37
CA LYS B 299 7.79 21.13 -27.82
C LYS B 299 8.92 20.86 -26.83
N ARG B 300 8.65 20.08 -25.77
CA ARG B 300 9.72 19.69 -24.87
C ARG B 300 10.93 19.10 -25.61
N LEU B 301 10.73 18.12 -26.48
CA LEU B 301 11.92 17.53 -27.13
C LEU B 301 12.66 18.56 -27.95
N ARG B 302 11.92 19.41 -28.66
CA ARG B 302 12.50 20.54 -29.40
C ARG B 302 13.49 21.39 -28.62
N SER B 303 13.21 21.65 -27.34
CA SER B 303 14.07 22.52 -26.53
C SER B 303 15.25 21.78 -25.99
N LEU B 304 15.23 20.46 -26.13
CA LEU B 304 16.26 19.64 -25.53
C LEU B 304 17.42 19.44 -26.48
N GLN B 305 17.05 19.18 -27.73
CA GLN B 305 17.99 18.88 -28.80
C GLN B 305 17.15 18.98 -30.06
N PHE B 306 17.38 20.01 -30.86
CA PHE B 306 16.64 20.18 -32.10
C PHE B 306 16.90 19.09 -33.15
N LEU B 307 15.81 18.65 -33.75
CA LEU B 307 15.88 17.62 -34.75
C LEU B 307 15.87 18.30 -36.10
N ASP B 308 17.03 18.41 -36.73
CA ASP B 308 17.08 19.11 -38.00
C ASP B 308 16.51 18.36 -39.19
N GLU B 309 16.51 17.04 -39.10
CA GLU B 309 16.24 16.18 -40.24
C GLU B 309 15.07 15.28 -39.86
N LEU B 310 13.88 15.90 -39.80
CA LEU B 310 12.64 15.22 -39.49
C LEU B 310 12.29 14.12 -40.50
N GLU B 311 12.55 14.38 -41.80
CA GLU B 311 12.40 13.28 -42.79
C GLU B 311 13.28 12.07 -42.47
N GLU B 312 14.56 12.29 -42.12
CA GLU B 312 15.45 11.17 -41.76
C GLU B 312 14.85 10.36 -40.59
N LEU B 313 14.18 11.05 -39.68
CA LEU B 313 13.57 10.35 -38.53
C LEU B 313 12.43 9.48 -39.02
N LYS B 314 11.49 10.07 -39.73
CA LYS B 314 10.42 9.30 -40.35
C LYS B 314 10.92 8.09 -41.15
N VAL B 315 11.89 8.30 -42.04
CA VAL B 315 12.35 7.17 -42.82
C VAL B 315 12.90 6.09 -41.91
N MET B 316 13.56 6.48 -40.83
CA MET B 316 14.00 5.47 -39.84
C MET B 316 12.80 4.82 -39.16
N GLN B 317 11.88 5.67 -38.70
CA GLN B 317 10.73 5.22 -37.87
C GLN B 317 9.63 4.44 -38.58
N THR B 318 9.55 4.55 -39.91
CA THR B 318 8.62 3.74 -40.70
C THR B 318 9.14 2.29 -40.80
N HIS B 319 10.35 2.05 -40.30
CA HIS B 319 10.94 0.71 -40.31
C HIS B 319 11.06 0.06 -38.95
N TYR B 320 10.42 0.66 -37.92
CA TYR B 320 10.16 0.03 -36.60
C TYR B 320 8.68 -0.05 -36.35
N ILE B 321 8.23 -1.17 -35.78
CA ILE B 321 6.81 -1.37 -35.55
C ILE B 321 6.49 -1.64 -34.06
N LEU B 322 5.30 -1.22 -33.66
CA LEU B 322 4.78 -1.56 -32.38
C LEU B 322 3.52 -2.37 -32.63
N MET B 323 3.61 -3.59 -32.14
CA MET B 323 2.57 -4.59 -32.26
C MET B 323 1.95 -4.87 -30.86
N LYS B 324 0.61 -4.76 -30.80
CA LYS B 324 -0.17 -5.14 -29.65
C LYS B 324 -1.19 -6.18 -30.00
N ALA B 325 -1.00 -7.36 -29.41
CA ALA B 325 -1.88 -8.51 -29.64
C ALA B 325 -2.54 -8.82 -28.32
N GLN B 326 -3.88 -8.83 -28.29
CA GLN B 326 -4.64 -9.04 -27.07
C GLN B 326 -5.50 -10.27 -27.21
N TRP B 327 -5.47 -11.07 -26.16
CA TRP B 327 -6.35 -12.24 -26.11
C TRP B 327 -6.97 -12.42 -24.74
N GLU C 1 -11.28 -25.70 28.57
CA GLU C 1 -12.37 -24.71 28.72
C GLU C 1 -12.35 -23.70 27.59
N ARG C 2 -13.45 -23.71 26.82
CA ARG C 2 -13.73 -22.68 25.82
C ARG C 2 -13.76 -21.26 26.41
N ILE C 3 -14.38 -21.09 27.59
CA ILE C 3 -14.47 -19.75 28.22
C ILE C 3 -13.05 -19.10 28.38
N ILE C 4 -12.11 -19.86 28.97
CA ILE C 4 -10.69 -19.46 29.10
C ILE C 4 -10.06 -19.12 27.73
N GLN C 5 -10.40 -19.93 26.70
CA GLN C 5 -9.82 -19.79 25.36
C GLN C 5 -10.22 -18.45 24.75
N GLN C 6 -11.44 -18.05 25.10
CA GLN C 6 -12.03 -16.80 24.64
C GLN C 6 -11.62 -15.54 25.47
N THR C 7 -10.69 -15.69 26.44
CA THR C 7 -10.06 -14.55 27.07
C THR C 7 -9.08 -14.02 26.05
N ASP C 8 -8.63 -14.90 25.15
CA ASP C 8 -7.77 -14.52 24.00
C ASP C 8 -8.38 -13.54 23.00
N TYR C 9 -9.72 -13.53 22.85
CA TYR C 9 -10.35 -12.55 21.98
C TYR C 9 -10.06 -11.15 22.52
N ASP C 10 -10.23 -10.98 23.85
CA ASP C 10 -9.83 -9.78 24.56
C ASP C 10 -8.38 -9.38 24.40
N ALA C 11 -7.42 -10.30 24.64
CA ALA C 11 -5.98 -10.05 24.45
C ALA C 11 -5.77 -9.40 23.10
N LEU C 12 -6.46 -9.97 22.10
CA LEU C 12 -6.17 -9.71 20.69
C LEU C 12 -6.79 -8.36 20.27
N SER C 13 -7.99 -8.08 20.78
CA SER C 13 -8.63 -6.78 20.74
C SER C 13 -7.72 -5.69 21.26
N CYS C 14 -7.17 -5.91 22.44
CA CYS C 14 -6.22 -4.98 23.04
C CYS C 14 -5.03 -4.69 22.18
N LYS C 15 -4.46 -5.77 21.64
CA LYS C 15 -3.28 -5.71 20.81
C LYS C 15 -3.62 -4.84 19.61
N LEU C 16 -4.78 -5.14 18.99
CA LEU C 16 -5.14 -4.52 17.71
C LEU C 16 -5.57 -3.05 17.82
N ALA C 17 -6.21 -2.77 18.95
CA ALA C 17 -6.60 -1.45 19.27
C ALA C 17 -5.30 -0.65 19.49
N ALA C 18 -4.31 -1.25 20.17
CA ALA C 18 -3.04 -0.55 20.48
C ALA C 18 -2.30 -0.25 19.14
N ILE C 19 -2.21 -1.26 18.25
CA ILE C 19 -1.58 -1.04 16.91
C ILE C 19 -2.34 0.04 16.08
N SER C 20 -3.67 -0.14 16.02
CA SER C 20 -4.62 0.80 15.43
C SER C 20 -4.40 2.26 15.80
N VAL C 21 -4.34 2.51 17.10
CA VAL C 21 -4.16 3.88 17.61
C VAL C 21 -2.69 4.37 17.38
N GLY C 22 -1.74 3.45 17.52
CA GLY C 22 -0.33 3.66 17.12
C GLY C 22 0.61 3.60 18.32
N TYR C 23 0.09 3.15 19.45
CA TYR C 23 0.91 2.86 20.61
C TYR C 23 1.99 1.82 20.26
N LEU C 24 1.56 0.80 19.50
CA LEU C 24 2.41 -0.24 18.97
C LEU C 24 2.40 -0.15 17.43
N PRO C 25 3.49 -0.50 16.76
CA PRO C 25 4.75 -0.96 17.38
C PRO C 25 5.58 0.20 17.94
N SER C 26 6.45 -0.11 18.92
CA SER C 26 7.44 0.82 19.48
C SER C 26 8.77 0.42 18.84
N SER C 27 9.04 0.95 17.66
CA SER C 27 10.26 0.59 16.98
C SER C 27 11.51 0.61 17.87
N GLY C 28 11.64 1.64 18.70
CA GLY C 28 12.83 1.76 19.57
C GLY C 28 12.92 0.69 20.65
N LEU C 29 11.83 0.59 21.44
CA LEU C 29 11.76 -0.40 22.51
C LEU C 29 11.64 -1.83 21.96
N GLN C 30 10.96 -2.02 20.82
CA GLN C 30 10.87 -3.37 20.24
C GLN C 30 11.99 -3.70 19.25
N ARG C 31 12.88 -2.75 19.07
CA ARG C 31 13.99 -2.78 18.10
C ARG C 31 13.59 -3.30 16.74
N LEU C 32 12.54 -2.66 16.17
CA LEU C 32 12.03 -2.96 14.81
C LEU C 32 12.54 -1.94 13.77
N SER C 33 13.14 -2.42 12.66
CA SER C 33 13.47 -1.57 11.51
C SER C 33 12.23 -0.83 11.02
N VAL C 34 12.41 0.15 10.13
CA VAL C 34 11.28 0.79 9.46
C VAL C 34 10.34 -0.27 8.88
N ASP C 35 10.92 -1.13 8.06
CA ASP C 35 10.13 -2.12 7.33
C ASP C 35 9.51 -3.22 8.28
N LEU C 36 10.24 -3.59 9.36
CA LEU C 36 9.75 -4.59 10.33
C LEU C 36 8.64 -4.02 11.22
N SER C 37 8.79 -2.73 11.55
CA SER C 37 7.72 -1.95 12.13
C SER C 37 6.46 -2.02 11.25
N LYS C 38 6.59 -1.80 9.93
CA LYS C 38 5.42 -1.89 9.00
C LYS C 38 4.80 -3.30 9.00
N LYS C 39 5.67 -4.30 8.93
CA LYS C 39 5.31 -5.70 8.88
C LYS C 39 4.53 -6.12 10.14
N TYR C 40 5.03 -5.69 11.29
CA TYR C 40 4.34 -5.82 12.55
C TYR C 40 2.84 -5.36 12.41
N THR C 41 2.60 -4.14 11.93
CA THR C 41 1.23 -3.69 11.70
C THR C 41 0.45 -4.54 10.71
N GLU C 42 1.05 -4.88 9.57
CA GLU C 42 0.37 -5.59 8.48
C GLU C 42 0.01 -7.02 8.96
N TRP C 43 0.96 -7.71 9.59
CA TRP C 43 0.73 -9.05 10.10
C TRP C 43 -0.50 -9.08 11.03
N HIS C 44 -0.62 -8.11 11.93
CA HIS C 44 -1.78 -8.02 12.87
C HIS C 44 -3.12 -7.68 12.17
N ARG C 45 -3.03 -6.79 11.20
CA ARG C 45 -4.14 -6.44 10.36
C ARG C 45 -4.62 -7.66 9.56
N SER C 46 -3.70 -8.34 8.88
CA SER C 46 -4.06 -9.58 8.14
C SER C 46 -4.65 -10.64 9.10
N TYR C 47 -4.19 -10.68 10.35
CA TYR C 47 -4.62 -11.74 11.30
C TYR C 47 -6.10 -11.57 11.60
N LEU C 48 -6.48 -10.31 11.83
CA LEU C 48 -7.86 -9.84 12.06
C LEU C 48 -8.85 -10.14 10.95
N ILE C 49 -8.52 -9.72 9.74
CA ILE C 49 -9.34 -9.96 8.56
C ILE C 49 -9.53 -11.45 8.27
N THR C 50 -8.45 -12.22 8.49
CA THR C 50 -8.44 -13.69 8.29
C THR C 50 -9.20 -14.41 9.42
N LEU C 51 -9.09 -13.92 10.64
CA LEU C 51 -9.98 -14.36 11.72
C LEU C 51 -11.44 -14.24 11.27
N LYS C 52 -11.75 -13.10 10.64
CA LYS C 52 -13.07 -12.82 10.08
C LYS C 52 -13.49 -13.88 9.04
N LYS C 53 -12.56 -14.25 8.16
CA LYS C 53 -12.73 -15.32 7.21
C LYS C 53 -13.16 -16.63 7.90
N PHE C 54 -12.46 -17.00 9.00
CA PHE C 54 -12.74 -18.28 9.68
C PHE C 54 -13.82 -18.22 10.75
N SER C 55 -14.13 -17.00 11.24
CA SER C 55 -15.12 -16.87 12.29
C SER C 55 -15.81 -15.50 12.43
N ARG C 56 -17.11 -15.47 12.11
CA ARG C 56 -17.92 -14.26 12.19
C ARG C 56 -18.14 -13.87 13.63
N ARG C 57 -18.27 -14.90 14.48
CA ARG C 57 -18.50 -14.72 15.91
C ARG C 57 -17.28 -14.19 16.59
N ALA C 58 -16.12 -14.74 16.26
CA ALA C 58 -14.89 -14.27 16.86
C ALA C 58 -14.61 -12.87 16.41
N PHE C 59 -14.67 -12.63 15.09
CA PHE C 59 -14.40 -11.28 14.54
C PHE C 59 -15.32 -10.22 15.23
N GLY C 60 -16.65 -10.50 15.29
CA GLY C 60 -17.61 -9.65 16.00
C GLY C 60 -17.07 -9.28 17.39
N LYS C 61 -16.67 -10.29 18.17
CA LYS C 61 -16.13 -10.09 19.52
C LYS C 61 -14.93 -9.16 19.56
N VAL C 62 -13.95 -9.43 18.70
CA VAL C 62 -12.71 -8.62 18.64
C VAL C 62 -12.97 -7.16 18.17
N ASP C 63 -13.74 -7.02 17.07
CA ASP C 63 -14.05 -5.72 16.47
C ASP C 63 -14.78 -4.78 17.43
N LYS C 64 -15.86 -5.26 18.05
CA LYS C 64 -16.59 -4.46 19.01
C LYS C 64 -15.73 -4.12 20.23
N ALA C 65 -14.86 -5.03 20.68
CA ALA C 65 -13.93 -4.73 21.79
C ALA C 65 -12.83 -3.70 21.47
N MET C 66 -12.36 -3.69 20.22
CA MET C 66 -11.48 -2.65 19.68
C MET C 66 -12.11 -1.27 19.55
N ARG C 67 -13.35 -1.21 19.02
CA ARG C 67 -14.09 0.05 18.89
C ARG C 67 -14.26 0.81 20.23
N SER C 68 -14.39 0.05 21.31
CA SER C 68 -14.66 0.59 22.64
C SER C 68 -13.41 0.64 23.55
N SER C 69 -12.23 0.50 22.92
CA SER C 69 -10.95 0.64 23.59
C SER C 69 -10.80 1.97 24.28
N PHE C 70 -10.16 1.92 25.45
CA PHE C 70 -10.01 3.05 26.35
C PHE C 70 -8.53 3.36 26.44
N PRO C 71 -8.15 4.64 26.44
CA PRO C 71 -6.79 5.08 26.72
C PRO C 71 -6.01 4.29 27.77
N VAL C 72 -6.56 4.12 28.98
CA VAL C 72 -5.86 3.34 30.03
C VAL C 72 -5.54 1.89 29.57
N MET C 73 -6.50 1.22 28.95
CA MET C 73 -6.33 -0.12 28.39
C MET C 73 -5.16 -0.16 27.42
N ASN C 74 -5.11 0.83 26.51
CA ASN C 74 -4.09 0.91 25.46
C ASN C 74 -2.67 1.10 25.99
N TYR C 75 -2.52 2.08 26.90
CA TYR C 75 -1.35 2.18 27.76
C TYR C 75 -0.99 0.83 28.37
N GLY C 76 -1.98 0.19 28.98
CA GLY C 76 -1.81 -1.16 29.56
C GLY C 76 -1.18 -2.13 28.57
N THR C 77 -1.68 -2.13 27.33
CA THR C 77 -1.26 -3.09 26.28
C THR C 77 0.12 -2.76 25.80
N TYR C 78 0.34 -1.47 25.64
CA TYR C 78 1.67 -0.96 25.30
C TYR C 78 2.72 -1.42 26.31
N LEU C 79 2.40 -1.36 27.60
CA LEU C 79 3.40 -1.59 28.69
C LEU C 79 3.73 -3.05 28.79
N ARG C 80 2.68 -3.84 28.86
CA ARG C 80 2.69 -5.30 28.77
C ARG C 80 3.64 -5.84 27.67
N THR C 81 3.34 -5.42 26.45
CA THR C 81 4.04 -5.83 25.24
C THR C 81 5.45 -5.33 25.16
N VAL C 82 5.66 -4.05 25.47
CA VAL C 82 7.01 -3.50 25.38
C VAL C 82 7.95 -4.08 26.51
N GLY C 83 7.41 -4.25 27.73
CA GLY C 83 8.15 -4.86 28.84
C GLY C 83 8.56 -6.31 28.57
N ILE C 84 7.65 -7.09 27.98
CA ILE C 84 7.98 -8.45 27.58
C ILE C 84 9.04 -8.49 26.47
N ASP C 85 8.90 -7.60 25.50
CA ASP C 85 9.82 -7.56 24.39
C ASP C 85 11.20 -7.08 24.78
N ALA C 86 11.28 -5.97 25.52
CA ALA C 86 12.55 -5.54 26.17
C ALA C 86 13.23 -6.68 26.95
N ALA C 87 12.45 -7.40 27.75
CA ALA C 87 12.95 -8.55 28.52
C ALA C 87 13.52 -9.61 27.57
N ILE C 88 12.74 -9.97 26.53
CA ILE C 88 13.18 -10.91 25.51
C ILE C 88 14.46 -10.48 24.79
N LEU C 89 14.46 -9.28 24.21
CA LEU C 89 15.62 -8.78 23.48
C LEU C 89 16.88 -8.66 24.35
N GLU C 90 16.68 -8.30 25.61
CA GLU C 90 17.84 -8.15 26.52
C GLU C 90 18.58 -9.49 26.56
N PHE C 91 17.82 -10.57 26.80
CA PHE C 91 18.33 -11.98 26.83
C PHE C 91 18.95 -12.42 25.49
N LEU C 92 18.21 -12.21 24.39
CA LEU C 92 18.77 -12.42 23.06
C LEU C 92 20.17 -11.77 22.86
N VAL C 93 20.38 -10.56 23.38
CA VAL C 93 21.69 -9.87 23.24
C VAL C 93 22.81 -10.70 23.86
N ALA C 94 22.48 -11.33 24.98
CA ALA C 94 23.40 -12.23 25.66
C ALA C 94 23.42 -13.65 25.03
N ASN C 95 22.29 -14.09 24.45
CA ASN C 95 22.12 -15.50 23.98
C ASN C 95 21.77 -15.73 22.51
N GLU C 96 22.84 -15.82 21.70
CA GLU C 96 22.87 -16.31 20.31
C GLU C 96 21.76 -17.32 19.92
N LYS C 97 21.99 -18.58 20.27
CA LYS C 97 21.07 -19.69 20.04
C LYS C 97 20.19 -19.83 21.27
N VAL C 98 18.89 -19.70 21.04
CA VAL C 98 17.90 -19.64 22.10
C VAL C 98 16.66 -20.37 21.60
N GLN C 99 15.83 -20.83 22.54
CA GLN C 99 14.49 -21.34 22.24
C GLN C 99 13.40 -20.62 23.10
N VAL C 100 12.32 -20.21 22.43
CA VAL C 100 11.23 -19.53 23.13
C VAL C 100 10.02 -20.47 23.18
N VAL C 101 9.39 -20.57 24.37
CA VAL C 101 8.27 -21.48 24.59
C VAL C 101 7.16 -20.49 25.03
N ASN C 102 6.18 -20.20 24.17
CA ASN C 102 5.08 -19.34 24.54
C ASN C 102 3.89 -20.12 25.05
N LEU C 103 3.63 -20.03 26.36
CA LEU C 103 2.62 -20.85 27.05
C LEU C 103 1.28 -20.12 27.09
N GLY C 104 0.16 -20.75 26.66
CA GLY C 104 -1.14 -20.04 26.49
C GLY C 104 -1.02 -18.83 25.53
N CYS C 105 -0.43 -19.12 24.37
CA CYS C 105 0.08 -18.12 23.45
C CYS C 105 -1.02 -17.33 22.75
N GLY C 106 -2.17 -17.99 22.52
CA GLY C 106 -3.32 -17.30 21.98
C GLY C 106 -2.98 -16.76 20.62
N SER C 107 -3.44 -15.55 20.36
CA SER C 107 -3.24 -14.92 19.03
C SER C 107 -1.90 -14.17 18.87
N ASP C 108 -1.02 -14.34 19.85
CA ASP C 108 0.25 -13.61 19.94
C ASP C 108 1.10 -13.82 18.67
N LEU C 109 1.61 -12.74 18.10
CA LEU C 109 2.35 -12.83 16.84
C LEU C 109 3.80 -12.43 17.07
N ARG C 110 4.24 -12.39 18.34
CA ARG C 110 5.57 -11.84 18.60
C ARG C 110 6.65 -12.72 17.99
N MET C 111 6.33 -14.00 17.72
CA MET C 111 7.30 -14.89 16.96
C MET C 111 7.70 -14.36 15.57
N LEU C 112 6.75 -13.70 14.91
CA LEU C 112 7.03 -13.13 13.61
C LEU C 112 8.23 -12.11 13.53
N PRO C 113 8.29 -11.06 14.35
CA PRO C 113 9.52 -10.22 14.36
C PRO C 113 10.85 -10.93 14.73
N LEU C 114 10.78 -11.71 15.81
CA LEU C 114 11.88 -12.39 16.46
C LEU C 114 12.57 -13.37 15.55
N LEU C 115 11.75 -14.25 14.94
CA LEU C 115 12.19 -15.25 13.95
C LEU C 115 12.90 -14.60 12.78
N GLN C 116 12.41 -13.41 12.39
CA GLN C 116 13.09 -12.60 11.36
C GLN C 116 14.39 -11.96 11.83
N MET C 117 14.36 -11.36 13.02
CA MET C 117 15.51 -10.70 13.70
C MET C 117 16.65 -11.61 14.24
N PHE C 118 16.31 -12.83 14.65
CA PHE C 118 17.25 -13.72 15.37
C PHE C 118 17.27 -15.07 14.70
N PRO C 119 18.34 -15.31 13.94
CA PRO C 119 18.44 -16.45 13.04
C PRO C 119 18.59 -17.76 13.78
N HIS C 120 19.05 -17.72 15.03
CA HIS C 120 19.27 -18.93 15.79
C HIS C 120 18.30 -19.05 16.97
N LEU C 121 17.10 -18.52 16.75
CA LEU C 121 16.05 -18.53 17.75
C LEU C 121 15.07 -19.58 17.26
N ALA C 122 14.61 -20.40 18.20
CA ALA C 122 13.56 -21.37 17.93
C ALA C 122 12.36 -20.89 18.70
N TYR C 123 11.16 -21.15 18.20
CA TYR C 123 9.98 -20.65 18.91
C TYR C 123 8.88 -21.70 18.91
N VAL C 124 8.20 -21.88 20.05
CA VAL C 124 7.13 -22.83 20.13
C VAL C 124 5.94 -22.12 20.76
N ASP C 125 4.79 -22.16 20.08
CA ASP C 125 3.51 -21.69 20.58
C ASP C 125 2.71 -22.85 21.22
N ILE C 126 2.19 -22.65 22.42
CA ILE C 126 1.32 -23.68 23.04
C ILE C 126 0.02 -23.06 23.51
N ASP C 127 -1.07 -23.74 23.18
CA ASP C 127 -2.40 -23.35 23.67
C ASP C 127 -3.32 -24.58 23.66
N TYR C 128 -4.54 -24.44 24.18
CA TYR C 128 -5.55 -25.46 24.02
C TYR C 128 -5.80 -25.73 22.55
N ASN C 129 -6.24 -26.95 22.26
CA ASN C 129 -6.43 -27.41 20.89
C ASN C 129 -7.34 -26.55 20.02
N GLU C 130 -8.48 -26.11 20.55
CA GLU C 130 -9.45 -25.30 19.77
C GLU C 130 -8.74 -24.05 19.25
N SER C 131 -7.96 -23.45 20.16
CA SER C 131 -7.19 -22.22 19.96
C SER C 131 -6.04 -22.39 18.97
N VAL C 132 -5.20 -23.43 19.14
CA VAL C 132 -4.16 -23.70 18.16
C VAL C 132 -4.73 -24.04 16.76
N GLU C 133 -5.87 -24.76 16.70
CA GLU C 133 -6.57 -25.04 15.45
C GLU C 133 -6.94 -23.74 14.75
N LEU C 134 -7.56 -22.79 15.45
CA LEU C 134 -7.95 -21.52 14.88
C LEU C 134 -6.74 -20.75 14.39
N LYS C 135 -5.66 -20.81 15.15
CA LYS C 135 -4.50 -20.01 14.83
C LYS C 135 -3.69 -20.59 13.67
N ASN C 136 -3.46 -21.90 13.67
CA ASN C 136 -3.03 -22.62 12.45
C ASN C 136 -3.81 -22.27 11.17
N SER C 137 -5.15 -22.35 11.22
CA SER C 137 -6.00 -21.92 10.10
C SER C 137 -5.62 -20.54 9.64
N ILE C 138 -5.61 -19.57 10.57
CA ILE C 138 -5.25 -18.20 10.25
C ILE C 138 -3.83 -18.06 9.64
N LEU C 139 -2.79 -18.62 10.28
CA LEU C 139 -1.40 -18.41 9.81
C LEU C 139 -1.22 -18.93 8.40
N ARG C 140 -1.75 -20.11 8.11
CA ARG C 140 -1.58 -20.76 6.82
C ARG C 140 -2.51 -20.22 5.76
N GLU C 141 -3.55 -19.50 6.17
CA GLU C 141 -4.47 -18.83 5.23
C GLU C 141 -4.03 -17.44 4.75
N SER C 142 -3.44 -16.67 5.65
CA SER C 142 -3.01 -15.33 5.30
C SER C 142 -1.74 -15.45 4.51
N GLU C 143 -1.76 -14.89 3.30
CA GLU C 143 -0.62 -14.94 2.41
C GLU C 143 0.60 -14.34 3.10
N ILE C 144 0.49 -13.09 3.55
CA ILE C 144 1.56 -12.39 4.31
C ILE C 144 2.15 -13.13 5.54
N LEU C 145 1.29 -13.78 6.34
CA LEU C 145 1.68 -14.57 7.52
C LEU C 145 2.18 -15.97 7.15
N ARG C 146 1.70 -16.51 6.03
CA ARG C 146 2.17 -17.78 5.52
C ARG C 146 3.59 -17.60 5.01
N ILE C 147 3.89 -16.43 4.45
CA ILE C 147 5.23 -16.12 3.95
C ILE C 147 6.23 -15.90 5.08
N SER C 148 5.81 -15.09 6.05
CA SER C 148 6.61 -14.81 7.23
C SER C 148 7.08 -16.08 7.98
N LEU C 149 6.22 -17.10 8.01
CA LEU C 149 6.56 -18.42 8.55
C LEU C 149 7.14 -19.43 7.52
N GLY C 150 7.04 -19.11 6.22
CA GLY C 150 7.54 -20.01 5.18
C GLY C 150 6.68 -21.26 5.11
N LEU C 151 5.37 -21.05 5.25
CA LEU C 151 4.40 -22.13 5.28
C LEU C 151 3.81 -22.41 3.90
N SER C 152 3.52 -23.68 3.68
CA SER C 152 2.64 -24.13 2.62
C SER C 152 1.23 -23.97 3.15
N LYS C 153 0.26 -23.84 2.23
CA LYS C 153 -1.14 -23.56 2.63
C LYS C 153 -1.90 -24.79 3.19
N GLU C 154 -1.51 -26.02 2.78
CA GLU C 154 -2.19 -27.23 3.30
C GLU C 154 -1.82 -27.51 4.78
N ASP C 155 -2.71 -28.23 5.48
CA ASP C 155 -2.41 -28.75 6.80
C ASP C 155 -1.36 -29.85 6.64
N THR C 156 -0.10 -29.46 6.77
CA THR C 156 1.06 -30.32 6.41
C THR C 156 1.78 -31.07 7.56
N ALA C 157 1.58 -30.64 8.81
CA ALA C 157 2.42 -31.11 9.95
C ALA C 157 1.88 -32.24 10.87
N LYS C 158 2.78 -33.12 11.28
CA LYS C 158 2.44 -34.34 12.01
C LYS C 158 2.22 -34.05 13.50
N SER C 159 1.55 -34.96 14.19
CA SER C 159 1.43 -34.89 15.65
C SER C 159 2.79 -34.76 16.42
N PRO C 160 2.80 -33.97 17.47
CA PRO C 160 1.61 -33.29 17.97
C PRO C 160 1.44 -31.81 17.46
N PHE C 161 2.06 -31.50 16.31
CA PHE C 161 2.16 -30.12 15.79
C PHE C 161 1.21 -29.88 14.63
N LEU C 162 0.56 -28.72 14.68
CA LEU C 162 -0.27 -28.25 13.59
C LEU C 162 0.68 -27.50 12.64
N ILE C 163 1.69 -26.82 13.21
CA ILE C 163 2.81 -26.27 12.41
C ILE C 163 4.15 -26.75 12.99
N ASP C 164 5.08 -27.10 12.12
CA ASP C 164 6.37 -27.51 12.60
C ASP C 164 7.30 -27.12 11.49
N GLN C 165 7.81 -25.91 11.57
CA GLN C 165 8.20 -25.20 10.36
C GLN C 165 9.49 -24.43 10.60
N GLY C 166 10.62 -25.02 10.20
CA GLY C 166 11.95 -24.45 10.49
C GLY C 166 12.13 -24.28 11.98
N ARG C 167 11.93 -23.04 12.44
CA ARG C 167 12.22 -22.58 13.81
C ARG C 167 10.98 -22.17 14.62
N TYR C 168 9.80 -22.57 14.15
CA TYR C 168 8.51 -22.28 14.80
C TYR C 168 7.64 -23.52 14.81
N LYS C 169 7.13 -23.84 15.99
CA LYS C 169 6.20 -24.90 16.20
C LYS C 169 4.93 -24.35 16.83
N LEU C 170 3.81 -24.84 16.33
CA LEU C 170 2.51 -24.62 16.97
C LEU C 170 1.89 -25.94 17.45
N ALA C 171 1.69 -26.08 18.77
CA ALA C 171 1.29 -27.35 19.41
C ALA C 171 0.13 -27.14 20.34
N ALA C 172 -0.81 -28.09 20.35
CA ALA C 172 -1.89 -28.06 21.37
C ALA C 172 -1.30 -28.71 22.59
N CYS C 173 -1.74 -28.24 23.76
CA CYS C 173 -1.49 -28.99 24.93
C CYS C 173 -2.44 -28.45 25.97
N ASP C 174 -2.85 -29.33 26.89
CA ASP C 174 -3.45 -28.92 28.14
C ASP C 174 -2.35 -28.69 29.16
N LEU C 175 -2.09 -27.40 29.42
CA LEU C 175 -1.03 -26.92 30.36
C LEU C 175 -1.30 -27.29 31.83
N ASN C 176 -2.52 -27.83 32.08
CA ASN C 176 -2.95 -28.38 33.37
C ASN C 176 -2.65 -29.89 33.48
N ASP C 177 -2.35 -30.48 32.32
CA ASP C 177 -1.83 -31.85 32.22
C ASP C 177 -0.32 -31.75 32.16
N ILE C 178 0.38 -31.99 33.28
CA ILE C 178 1.84 -31.85 33.36
C ILE C 178 2.54 -32.95 32.57
N THR C 179 1.91 -34.10 32.47
CA THR C 179 2.46 -35.15 31.63
C THR C 179 2.38 -34.86 30.17
N GLU C 180 1.27 -34.32 29.69
CA GLU C 180 1.18 -34.03 28.27
C GLU C 180 2.20 -32.93 28.00
N THR C 181 2.40 -32.08 28.99
CA THR C 181 3.30 -30.95 28.84
C THR C 181 4.81 -31.29 28.72
N THR C 182 5.27 -32.23 29.54
CA THR C 182 6.68 -32.49 29.54
C THR C 182 6.96 -33.29 28.29
N ARG C 183 6.04 -34.20 27.99
CA ARG C 183 6.06 -35.00 26.78
C ARG C 183 6.20 -34.13 25.53
N LEU C 184 5.32 -33.15 25.38
CA LEU C 184 5.39 -32.22 24.24
C LEU C 184 6.75 -31.50 24.21
N LEU C 185 7.18 -30.99 25.36
CA LEU C 185 8.40 -30.19 25.42
C LEU C 185 9.58 -31.03 25.06
N ASP C 186 9.58 -32.28 25.53
CA ASP C 186 10.61 -33.26 25.16
C ASP C 186 10.90 -33.28 23.66
N VAL C 187 9.83 -33.23 22.86
CA VAL C 187 9.98 -33.33 21.39
C VAL C 187 10.09 -32.00 20.68
N CYS C 188 10.03 -30.89 21.40
CA CYS C 188 10.27 -29.63 20.67
C CYS C 188 11.33 -28.72 21.28
N THR C 189 11.76 -29.03 22.50
CA THR C 189 12.90 -28.30 23.08
C THR C 189 14.09 -29.18 23.43
N LYS C 190 15.24 -28.54 23.59
CA LYS C 190 16.42 -29.20 24.15
C LYS C 190 16.75 -28.56 25.47
N ARG C 191 17.11 -29.42 26.42
CA ARG C 191 17.63 -29.07 27.74
C ARG C 191 18.76 -28.00 27.76
N GLU C 192 19.73 -28.15 26.87
CA GLU C 192 20.95 -27.32 26.86
C GLU C 192 20.82 -25.92 26.17
N ILE C 193 19.76 -25.67 25.40
CA ILE C 193 19.60 -24.34 24.78
C ILE C 193 19.03 -23.31 25.80
N PRO C 194 19.69 -22.12 26.01
CA PRO C 194 19.09 -21.03 26.79
C PRO C 194 17.62 -20.93 26.38
N THR C 195 16.74 -20.96 27.38
CA THR C 195 15.29 -21.03 27.13
C THR C 195 14.53 -19.81 27.65
N ILE C 196 13.86 -19.09 26.74
CA ILE C 196 12.85 -18.14 27.19
C ILE C 196 11.44 -18.79 27.21
N VAL C 197 10.89 -18.79 28.41
CA VAL C 197 9.51 -19.18 28.69
C VAL C 197 8.74 -17.90 28.85
N ILE C 198 7.59 -17.83 28.18
CA ILE C 198 6.63 -16.71 28.30
C ILE C 198 5.28 -17.23 28.76
N SER C 199 4.79 -16.61 29.84
CA SER C 199 3.40 -16.76 30.23
C SER C 199 2.79 -15.36 30.40
N GLU C 200 2.07 -14.89 29.36
CA GLU C 200 1.44 -13.55 29.38
C GLU C 200 -0.05 -13.75 29.59
N SMC C 201 -0.57 -13.48 30.79
CA SMC C 201 -1.98 -13.72 31.12
CB SMC C 201 -2.91 -12.79 30.35
SG SMC C 201 -2.67 -11.09 30.81
CS SMC C 201 -3.93 -10.78 32.01
C SMC C 201 -2.41 -15.17 30.92
O SMC C 201 -3.47 -15.49 30.31
N LEU C 202 -1.56 -16.06 31.45
CA LEU C 202 -1.84 -17.51 31.41
C LEU C 202 -2.08 -18.08 32.83
N LEU C 203 -1.06 -17.95 33.68
CA LEU C 203 -1.05 -18.50 35.04
C LEU C 203 -2.17 -17.97 35.92
N CYS C 204 -2.74 -16.81 35.56
CA CYS C 204 -3.91 -16.24 36.29
C CYS C 204 -5.14 -17.16 36.21
N TYR C 205 -5.21 -18.00 35.17
CA TYR C 205 -6.36 -18.91 34.98
C TYR C 205 -6.13 -20.26 35.67
N MET C 206 -4.92 -20.43 36.22
CA MET C 206 -4.51 -21.71 36.82
C MET C 206 -4.64 -21.77 38.37
N HIS C 207 -5.09 -22.92 38.85
CA HIS C 207 -5.13 -23.19 40.27
C HIS C 207 -3.68 -23.18 40.76
N ASN C 208 -3.48 -22.94 42.05
CA ASN C 208 -2.16 -22.68 42.62
C ASN C 208 -1.10 -23.76 42.41
N ASN C 209 -1.41 -24.99 42.85
CA ASN C 209 -0.43 -26.04 42.71
C ASN C 209 -0.12 -26.39 41.23
N GLU C 210 -1.17 -26.39 40.37
CA GLU C 210 -1.11 -26.58 38.91
C GLU C 210 0.03 -25.75 38.31
N SER C 211 0.00 -24.44 38.59
CA SER C 211 0.98 -23.47 38.09
C SER C 211 2.36 -23.59 38.73
N GLN C 212 2.39 -23.98 40.00
CA GLN C 212 3.64 -24.05 40.69
C GLN C 212 4.35 -25.29 40.16
N LEU C 213 3.56 -26.31 39.82
CA LEU C 213 4.08 -27.53 39.20
C LEU C 213 4.62 -27.27 37.80
N LEU C 214 3.87 -26.48 37.01
CA LEU C 214 4.31 -26.05 35.68
C LEU C 214 5.60 -25.22 35.80
N ILE C 215 5.59 -24.22 36.68
CA ILE C 215 6.78 -23.40 36.94
C ILE C 215 8.00 -24.29 37.30
N ASN C 216 7.83 -25.14 38.32
CA ASN C 216 8.96 -25.94 38.73
C ASN C 216 9.41 -27.02 37.73
N THR C 217 8.47 -27.74 37.12
CA THR C 217 8.78 -28.73 36.06
C THR C 217 9.49 -28.10 34.90
N ILE C 218 8.95 -27.00 34.41
CA ILE C 218 9.47 -26.37 33.22
C ILE C 218 10.85 -25.81 33.54
N MET C 219 10.99 -25.06 34.63
CA MET C 219 12.29 -24.53 35.05
C MET C 219 13.43 -25.52 35.23
N SER C 220 13.14 -26.71 35.78
CA SER C 220 14.11 -27.81 35.98
C SER C 220 14.60 -28.41 34.67
N LYS C 221 13.88 -28.14 33.59
CA LYS C 221 14.04 -28.89 32.33
C LYS C 221 14.99 -28.22 31.34
N PHE C 222 15.42 -27.04 31.74
CA PHE C 222 16.31 -26.26 30.93
C PHE C 222 17.48 -25.81 31.80
N SER C 223 18.68 -26.20 31.34
CA SER C 223 19.93 -25.84 32.03
C SER C 223 19.95 -24.35 32.41
N HIS C 224 19.75 -23.48 31.41
CA HIS C 224 19.65 -22.02 31.59
C HIS C 224 18.47 -21.39 30.84
N GLY C 225 17.98 -20.28 31.36
CA GLY C 225 17.03 -19.48 30.62
C GLY C 225 16.43 -18.36 31.42
N LEU C 226 15.25 -17.92 30.94
CA LEU C 226 14.55 -16.72 31.41
C LEU C 226 13.02 -16.91 31.29
N TRP C 227 12.34 -16.78 32.43
CA TRP C 227 10.89 -16.90 32.42
C TRP C 227 10.30 -15.49 32.49
N ILE C 228 9.55 -15.07 31.47
CA ILE C 228 8.85 -13.76 31.55
C ILE C 228 7.40 -14.07 31.74
N SER C 229 6.86 -13.49 32.81
CA SER C 229 5.49 -13.72 33.22
C SER C 229 4.83 -12.41 33.58
N TYR C 230 3.61 -12.24 33.11
CA TYR C 230 2.88 -11.04 33.23
C TYR C 230 1.54 -11.49 33.63
N ASP C 231 0.95 -10.81 34.60
CA ASP C 231 -0.36 -11.19 35.16
C ASP C 231 -0.93 -10.02 35.98
N PRO C 232 -2.26 -9.98 36.15
CA PRO C 232 -2.89 -9.12 37.17
C PRO C 232 -2.55 -9.54 38.58
N ILE C 233 -2.46 -8.56 39.52
CA ILE C 233 -2.35 -8.86 40.96
C ILE C 233 -3.58 -8.28 41.68
N GLY C 234 -4.06 -9.02 42.67
CA GLY C 234 -5.30 -8.68 43.40
C GLY C 234 -5.32 -7.35 44.13
N GLY C 235 -4.19 -6.97 44.71
CA GLY C 235 -4.14 -5.75 45.54
C GLY C 235 -3.87 -6.12 46.99
N SER C 236 -2.88 -5.43 47.58
CA SER C 236 -2.40 -5.78 48.92
C SER C 236 -2.79 -4.71 49.94
N GLN C 237 -3.14 -3.53 49.44
CA GLN C 237 -3.49 -2.43 50.33
C GLN C 237 -4.91 -2.66 50.89
N PRO C 238 -5.10 -2.37 52.19
CA PRO C 238 -6.41 -2.57 52.83
C PRO C 238 -7.44 -1.67 52.16
N ASN C 239 -8.67 -2.18 52.05
CA ASN C 239 -9.75 -1.50 51.33
C ASN C 239 -9.57 -1.55 49.79
N ASP C 240 -8.63 -2.36 49.31
CA ASP C 240 -8.38 -2.60 47.85
C ASP C 240 -9.40 -3.55 47.17
N ARG C 241 -10.39 -2.97 46.47
CA ARG C 241 -11.45 -3.75 45.80
C ARG C 241 -11.08 -4.35 44.44
N PHE C 242 -9.97 -3.90 43.86
CA PHE C 242 -9.58 -4.29 42.50
C PHE C 242 -9.76 -5.77 42.17
N GLY C 243 -9.12 -6.63 42.97
CA GLY C 243 -9.01 -8.09 42.73
C GLY C 243 -10.30 -8.86 42.96
N ALA C 244 -11.02 -8.51 44.01
CA ALA C 244 -12.39 -8.99 44.25
C ALA C 244 -13.44 -8.48 43.22
N ILE C 245 -13.30 -7.22 42.79
CA ILE C 245 -14.14 -6.63 41.73
C ILE C 245 -13.88 -7.30 40.36
N MET C 246 -12.61 -7.64 40.10
CA MET C 246 -12.18 -8.40 38.92
C MET C 246 -12.71 -9.84 38.96
N GLN C 247 -12.27 -10.62 39.96
CA GLN C 247 -12.77 -12.00 40.20
C GLN C 247 -14.31 -12.10 40.09
N SER C 248 -15.01 -11.03 40.50
CA SER C 248 -16.46 -10.96 40.39
C SER C 248 -16.95 -10.69 38.95
N ASN C 249 -16.45 -9.64 38.29
CA ASN C 249 -16.84 -9.29 36.90
C ASN C 249 -16.64 -10.41 35.86
N LEU C 250 -15.51 -11.11 35.98
CA LEU C 250 -15.20 -12.24 35.12
C LEU C 250 -16.11 -13.43 35.43
N LYS C 251 -16.51 -13.57 36.69
CA LYS C 251 -17.56 -14.52 37.10
C LYS C 251 -18.91 -14.21 36.42
N GLU C 252 -19.42 -12.97 36.62
CA GLU C 252 -20.77 -12.55 36.14
C GLU C 252 -20.91 -12.54 34.63
N SER C 253 -20.16 -11.64 33.98
CA SER C 253 -20.15 -11.55 32.52
C SER C 253 -19.67 -12.86 31.85
N ARG C 254 -18.43 -13.26 32.12
CA ARG C 254 -17.76 -14.38 31.39
C ARG C 254 -17.88 -15.82 32.02
N ASN C 255 -18.33 -15.91 33.29
CA ASN C 255 -18.37 -17.19 34.05
C ASN C 255 -16.96 -17.78 34.26
N LEU C 256 -15.98 -16.87 34.47
CA LEU C 256 -14.51 -17.13 34.35
C LEU C 256 -13.78 -17.03 35.69
N GLU C 257 -12.63 -17.70 35.82
CA GLU C 257 -11.94 -17.66 37.12
C GLU C 257 -10.43 -17.29 37.18
N MET C 258 -10.08 -16.58 38.26
CA MET C 258 -8.70 -16.24 38.58
C MET C 258 -8.42 -16.63 40.04
N PRO C 259 -8.12 -17.90 40.30
CA PRO C 259 -8.06 -18.43 41.67
C PRO C 259 -6.82 -18.03 42.48
N THR C 260 -5.76 -17.52 41.84
CA THR C 260 -4.62 -17.01 42.62
C THR C 260 -4.45 -15.49 42.59
N LEU C 261 -5.50 -14.76 42.18
CA LEU C 261 -5.47 -13.30 42.11
C LEU C 261 -5.29 -12.66 43.48
N MET C 262 -6.07 -13.14 44.44
CA MET C 262 -5.92 -12.69 45.82
C MET C 262 -4.74 -13.38 46.51
N THR C 263 -4.43 -14.63 46.14
CA THR C 263 -3.30 -15.34 46.74
C THR C 263 -2.01 -14.58 46.51
N TYR C 264 -1.74 -14.29 45.23
CA TYR C 264 -0.58 -13.48 44.77
C TYR C 264 -1.01 -12.02 44.47
N ASN C 265 -1.20 -11.23 45.54
CA ASN C 265 -1.77 -9.87 45.44
C ASN C 265 -0.73 -8.76 45.64
N SER C 266 0.54 -9.14 45.68
CA SER C 266 1.63 -8.18 45.61
C SER C 266 2.66 -8.72 44.61
N LYS C 267 3.41 -7.83 43.98
CA LYS C 267 4.52 -8.24 43.13
C LYS C 267 5.44 -9.24 43.86
N GLU C 268 5.65 -9.03 45.17
CA GLU C 268 6.57 -9.85 45.97
C GLU C 268 6.07 -11.28 46.10
N LYS C 269 4.78 -11.38 46.44
CA LYS C 269 4.08 -12.67 46.47
C LYS C 269 4.10 -13.36 45.09
N TYR C 270 3.79 -12.62 44.04
CA TYR C 270 3.84 -13.22 42.70
C TYR C 270 5.21 -13.90 42.47
N ALA C 271 6.24 -13.05 42.44
CA ALA C 271 7.63 -13.40 42.11
C ALA C 271 8.15 -14.59 42.88
N SER C 272 7.50 -14.92 43.99
CA SER C 272 8.04 -15.90 44.93
C SER C 272 7.77 -17.32 44.43
N ARG C 273 6.97 -17.41 43.35
CA ARG C 273 6.75 -18.71 42.70
C ARG C 273 8.00 -19.14 41.92
N TRP C 274 8.84 -18.16 41.58
CA TRP C 274 10.09 -18.44 40.91
C TRP C 274 11.29 -18.45 41.84
N SER C 275 11.04 -18.62 43.14
CA SER C 275 12.12 -18.70 44.16
C SER C 275 13.23 -19.77 43.87
N ALA C 276 12.90 -20.82 43.10
CA ALA C 276 13.90 -21.80 42.60
C ALA C 276 14.97 -21.10 41.75
N ALA C 277 14.64 -19.96 41.16
CA ALA C 277 15.61 -19.22 40.33
C ALA C 277 16.41 -18.16 41.13
N PRO C 278 17.72 -18.09 40.86
CA PRO C 278 18.63 -17.27 41.67
C PRO C 278 18.55 -15.79 41.40
N ASN C 279 17.88 -15.43 40.30
CA ASN C 279 17.75 -14.08 39.83
C ASN C 279 16.27 -13.85 39.43
N VAL C 280 15.52 -13.17 40.31
CA VAL C 280 14.10 -12.87 40.09
C VAL C 280 13.94 -11.34 40.26
N ILE C 281 13.32 -10.71 39.28
CA ILE C 281 13.02 -9.28 39.29
C ILE C 281 11.53 -9.17 38.98
N VAL C 282 10.85 -8.33 39.75
CA VAL C 282 9.46 -8.02 39.51
C VAL C 282 9.18 -6.51 39.67
N ASN C 283 8.34 -6.03 38.77
CA ASN C 283 7.88 -4.67 38.70
C ASN C 283 6.39 -4.71 38.37
N ASP C 284 5.61 -3.79 38.93
CA ASP C 284 4.28 -3.52 38.37
C ASP C 284 4.43 -2.59 37.16
N MET C 285 3.34 -2.34 36.45
CA MET C 285 3.42 -1.73 35.13
C MET C 285 3.45 -0.22 35.25
N TRP C 286 2.95 0.29 36.39
CA TRP C 286 3.10 1.70 36.73
C TRP C 286 4.59 1.99 36.90
N GLU C 287 5.29 1.07 37.60
CA GLU C 287 6.76 1.18 37.77
C GLU C 287 7.50 1.18 36.44
N ILE C 288 7.08 0.27 35.54
CA ILE C 288 7.65 0.17 34.21
C ILE C 288 7.42 1.46 33.37
N PHE C 289 6.17 1.90 33.26
CA PHE C 289 5.83 3.22 32.69
C PHE C 289 6.82 4.32 33.13
N ASN C 290 7.01 4.40 34.46
CA ASN C 290 7.81 5.48 35.05
C ASN C 290 9.33 5.31 34.96
N ALA C 291 9.83 4.06 35.04
CA ALA C 291 11.30 3.85 35.14
C ALA C 291 11.97 3.29 33.88
N GLN C 292 11.20 2.65 33.02
CA GLN C 292 11.79 1.89 31.91
C GLN C 292 11.30 2.37 30.55
N ILE C 293 10.33 3.27 30.59
CA ILE C 293 9.85 3.87 29.36
C ILE C 293 10.62 5.19 29.14
N PRO C 294 11.30 5.33 27.99
CA PRO C 294 11.96 6.60 27.65
C PRO C 294 10.96 7.76 27.60
N GLU C 295 11.38 8.91 28.11
CA GLU C 295 10.56 10.13 27.99
C GLU C 295 10.06 10.33 26.53
N SER C 296 10.92 10.10 25.53
CA SER C 296 10.54 10.27 24.11
C SER C 296 9.25 9.48 23.77
N GLU C 297 9.14 8.27 24.35
CA GLU C 297 7.97 7.38 24.22
C GLU C 297 6.72 7.86 24.97
N ARG C 298 6.91 8.30 26.22
CA ARG C 298 5.82 8.91 26.98
C ARG C 298 5.17 10.09 26.20
N LYS C 299 6.01 10.98 25.66
CA LYS C 299 5.61 12.09 24.80
C LYS C 299 4.86 11.58 23.54
N ARG C 300 5.46 10.65 22.80
CA ARG C 300 4.80 10.07 21.63
C ARG C 300 3.43 9.43 22.01
N LEU C 301 3.35 8.67 23.12
CA LEU C 301 2.05 8.17 23.54
C LEU C 301 1.01 9.28 23.79
N ARG C 302 1.45 10.38 24.43
CA ARG C 302 0.59 11.58 24.67
C ARG C 302 0.00 12.19 23.41
N SER C 303 0.70 12.00 22.28
CA SER C 303 0.26 12.52 20.97
C SER C 303 -0.98 11.83 20.36
N LEU C 304 -1.15 10.54 20.67
CA LEU C 304 -2.17 9.68 20.07
C LEU C 304 -3.54 9.83 20.70
N GLN C 305 -3.60 9.83 22.04
CA GLN C 305 -4.87 10.02 22.77
C GLN C 305 -4.75 10.88 24.03
N PHE C 306 -5.90 11.38 24.51
CA PHE C 306 -6.00 12.04 25.83
C PHE C 306 -6.07 10.98 26.96
N LEU C 307 -5.09 10.99 27.86
CA LEU C 307 -5.20 10.21 29.11
C LEU C 307 -5.46 11.28 30.14
N ASP C 308 -6.75 11.52 30.41
CA ASP C 308 -7.17 12.62 31.30
C ASP C 308 -7.01 12.24 32.78
N GLU C 309 -6.93 10.93 33.01
CA GLU C 309 -6.99 10.38 34.37
C GLU C 309 -5.79 9.50 34.67
N LEU C 310 -4.65 10.17 34.90
CA LEU C 310 -3.36 9.51 35.18
C LEU C 310 -3.41 8.61 36.44
N GLU C 311 -4.13 9.07 37.45
CA GLU C 311 -4.19 8.34 38.70
C GLU C 311 -4.95 7.01 38.46
N GLU C 312 -5.85 7.04 37.46
CA GLU C 312 -6.55 5.83 37.00
C GLU C 312 -5.66 4.87 36.21
N LEU C 313 -4.80 5.39 35.31
CA LEU C 313 -3.69 4.58 34.74
C LEU C 313 -2.92 3.93 35.89
N LYS C 314 -2.49 4.74 36.87
CA LYS C 314 -1.74 4.23 38.05
C LYS C 314 -2.50 3.18 38.83
N VAL C 315 -3.76 3.47 39.20
CA VAL C 315 -4.50 2.56 40.05
C VAL C 315 -4.58 1.17 39.39
N MET C 316 -4.84 1.12 38.08
CA MET C 316 -4.82 -0.16 37.35
C MET C 316 -3.44 -0.77 37.06
N GLN C 317 -2.52 0.07 36.65
CA GLN C 317 -1.23 -0.44 36.22
C GLN C 317 -0.42 -0.99 37.39
N THR C 318 -0.65 -0.48 38.60
CA THR C 318 -0.04 -1.08 39.82
C THR C 318 -0.59 -2.46 40.12
N HIS C 319 -1.69 -2.84 39.44
CA HIS C 319 -2.34 -4.14 39.61
C HIS C 319 -2.03 -5.17 38.52
N TYR C 320 -0.98 -4.92 37.72
CA TYR C 320 -0.36 -5.88 36.79
C TYR C 320 1.13 -5.92 37.01
N ILE C 321 1.72 -7.13 37.03
CA ILE C 321 3.18 -7.28 37.25
C ILE C 321 3.83 -7.89 36.01
N LEU C 322 5.08 -7.51 35.75
CA LEU C 322 5.95 -8.21 34.83
C LEU C 322 7.08 -8.78 35.68
N MET C 323 7.18 -10.11 35.70
CA MET C 323 8.09 -10.88 36.51
C MET C 323 9.14 -11.49 35.58
N LYS C 324 10.43 -11.29 35.88
CA LYS C 324 11.54 -11.92 35.14
C LYS C 324 12.42 -12.85 36.02
N ALA C 325 12.42 -14.15 35.69
CA ALA C 325 13.21 -15.16 36.46
C ALA C 325 14.35 -15.69 35.63
N GLN C 326 15.57 -15.61 36.14
CA GLN C 326 16.73 -16.13 35.41
C GLN C 326 17.50 -17.19 36.20
N TRP C 327 17.57 -18.38 35.62
CA TRP C 327 18.48 -19.46 36.08
C TRP C 327 19.52 -19.73 34.98
P PO4 D . -15.69 -13.66 -1.19
O1 PO4 D . -16.38 -13.13 0.05
O2 PO4 D . -15.43 -15.14 -1.01
O3 PO4 D . -16.46 -13.43 -2.47
O4 PO4 D . -14.38 -12.94 -1.33
N SAH E . -14.89 18.85 0.61
CA SAH E . -14.50 18.15 1.87
CB SAH E . -15.25 18.79 3.05
CG SAH E . -16.76 18.80 2.90
SD SAH E . -17.57 19.38 4.40
C SAH E . -14.77 16.63 1.91
O SAH E . -15.58 16.06 1.15
OXT SAH E . -14.16 15.95 2.75
C5' SAH E . -18.06 20.86 3.56
C4' SAH E . -17.00 21.95 3.54
O4' SAH E . -17.54 23.02 2.77
C3' SAH E . -16.69 22.49 4.92
O3' SAH E . -15.25 22.49 5.03
C2' SAH E . -17.19 23.90 4.77
O2' SAH E . -16.49 24.84 5.55
C1' SAH E . -17.03 24.19 3.27
N9 SAH E . -17.88 25.33 2.91
C8 SAH E . -19.26 25.38 3.02
N7 SAH E . -19.64 26.59 2.59
C5 SAH E . -18.55 27.30 2.19
C6 SAH E . -18.44 28.62 1.74
N6 SAH E . -19.52 29.40 1.57
N1 SAH E . -17.20 29.07 1.49
C2 SAH E . -16.08 28.26 1.65
N3 SAH E . -16.18 27.00 2.16
C4 SAH E . -17.43 26.53 2.41
C1 GOL F . -20.46 8.97 3.47
O1 GOL F . -19.08 9.41 3.47
C2 GOL F . -21.01 9.23 2.09
O2 GOL F . -20.85 10.62 1.89
C3 GOL F . -22.49 8.89 1.90
O3 GOL F . -22.64 7.52 2.18
C1 GOL G . 0.99 6.20 -12.13
O1 GOL G . 0.24 7.34 -11.80
C2 GOL G . 0.27 4.86 -11.91
O2 GOL G . -0.88 4.68 -12.73
C3 GOL G . -0.01 4.48 -10.44
O3 GOL G . 1.05 4.64 -9.49
N SAH H . 14.61 -5.77 -24.83
CA SAH H . 15.80 -4.96 -24.41
CB SAH H . 17.09 -5.64 -24.96
CG SAH H . 17.12 -5.63 -26.50
SD SAH H . 18.67 -6.25 -27.23
C SAH H . 15.76 -3.52 -24.93
O SAH H . 15.12 -3.27 -25.99
OXT SAH H . 16.44 -2.61 -24.37
C5' SAH H . 18.28 -8.01 -27.42
C4' SAH H . 18.25 -8.88 -26.20
O4' SAH H . 17.60 -10.06 -26.68
C3' SAH H . 19.63 -9.22 -25.65
O3' SAH H . 19.65 -8.89 -24.27
C2' SAH H . 19.70 -10.73 -25.94
O2' SAH H . 20.52 -11.45 -25.03
C1' SAH H . 18.22 -11.17 -26.10
N9 SAH H . 18.05 -12.46 -26.82
C8 SAH H . 18.18 -12.75 -28.13
N7 SAH H . 17.93 -14.10 -28.29
C5 SAH H . 17.67 -14.62 -27.07
C6 SAH H . 17.37 -15.92 -26.62
N6 SAH H . 17.33 -16.96 -27.47
N1 SAH H . 17.12 -16.07 -25.28
C2 SAH H . 17.17 -15.05 -24.37
N3 SAH H . 17.47 -13.78 -24.79
C4 SAH H . 17.73 -13.59 -26.14
N SAH I . -0.72 -14.93 26.16
CA SAH I . -1.57 -14.45 25.04
CB SAH I . -3.03 -14.95 25.20
CG SAH I . -3.43 -15.03 26.66
SD SAH I . -5.24 -14.97 26.79
C SAH I . -1.55 -12.92 25.02
O SAH I . -1.16 -12.23 25.98
OXT SAH I . -2.01 -12.29 24.07
C5' SAH I . -5.17 -16.50 27.71
C4' SAH I . -4.77 -17.72 26.87
O4' SAH I . -4.37 -18.74 27.77
C3' SAH I . -5.85 -18.35 25.97
O3' SAH I . -5.48 -18.49 24.59
C2' SAH I . -6.05 -19.71 26.63
O2' SAH I . -6.52 -20.63 25.68
C1' SAH I . -4.69 -20.00 27.25
N9 SAH I . -4.66 -21.05 28.28
C8 SAH I . -5.20 -20.96 29.53
N7 SAH I . -5.00 -22.17 30.13
C5 SAH I . -4.34 -23.00 29.29
C6 SAH I . -3.90 -24.33 29.41
N6 SAH I . -4.11 -25.00 30.53
N1 SAH I . -3.26 -24.94 28.34
C2 SAH I . -3.03 -24.25 27.15
N3 SAH I . -3.48 -22.93 27.04
C4 SAH I . -4.13 -22.32 28.10
#